data_5X7V
#
_entry.id   5X7V
#
_cell.length_a   95.790
_cell.length_b   114.900
_cell.length_c   139.100
_cell.angle_alpha   90.00
_cell.angle_beta   90.00
_cell.angle_gamma   90.00
#
_symmetry.space_group_name_H-M   'P 21 21 21'
#
_entity_poly.entity_id   1
_entity_poly.type   'polypeptide(L)'
_entity_poly.pdbx_seq_one_letter_code
;FMQDFEDIQKDIEQLDIKCAHEQMNIQKQYDEKKKPLFEKRDEIIQKIPGFWANTLRKHPALSDIVPEDIDILNHLVKLD
LKDNMDNNGSYKITFIFGEKAKEFMEPLTLVKHVTFDNNQEKVVECTRIKWKEGKNPIAAVTHNRSDLDNEIPKWSIFEW
FTTDELQDKPDVGELIRREIWHNPLSYYLGLEE
;
_entity_poly.pdbx_strand_id   A,B,C,D,E,F
#
# COMPACT_ATOMS: atom_id res chain seq x y z
N PHE A 1 4.07 -48.94 -49.57
CA PHE A 1 4.88 -47.78 -49.20
C PHE A 1 4.37 -47.08 -47.95
N MET A 2 3.07 -46.79 -47.89
CA MET A 2 2.39 -46.66 -46.60
C MET A 2 2.80 -47.81 -45.71
N GLN A 3 3.03 -48.98 -46.30
CA GLN A 3 3.46 -50.16 -45.56
C GLN A 3 4.94 -50.09 -45.17
N ASP A 4 5.76 -49.52 -46.05
CA ASP A 4 7.20 -49.44 -45.80
C ASP A 4 7.49 -48.56 -44.62
N PHE A 5 6.65 -47.54 -44.46
CA PHE A 5 6.83 -46.53 -43.43
C PHE A 5 6.50 -47.16 -42.09
N GLU A 6 5.46 -47.99 -42.08
CA GLU A 6 5.08 -48.73 -40.88
C GLU A 6 6.15 -49.75 -40.47
N ASP A 7 6.70 -50.47 -41.44
CA ASP A 7 7.81 -51.38 -41.19
C ASP A 7 9.01 -50.70 -40.58
N ILE A 8 9.34 -49.52 -41.10
CA ILE A 8 10.50 -48.82 -40.59
C ILE A 8 10.20 -48.36 -39.17
N GLN A 9 8.97 -47.96 -38.92
CA GLN A 9 8.62 -47.38 -37.64
C GLN A 9 8.46 -48.46 -36.57
N LYS A 10 8.19 -49.70 -36.99
CA LYS A 10 8.29 -50.84 -36.09
C LYS A 10 9.72 -50.92 -35.54
N ASP A 11 10.68 -51.06 -36.46
CA ASP A 11 12.11 -51.07 -36.14
C ASP A 11 12.62 -49.89 -35.28
N ILE A 12 12.13 -48.68 -35.53
CA ILE A 12 12.49 -47.55 -34.71
C ILE A 12 11.94 -47.74 -33.30
N GLU A 13 10.65 -48.06 -33.18
CA GLU A 13 10.03 -48.16 -31.85
C GLU A 13 10.64 -49.28 -31.02
N GLN A 14 10.93 -50.42 -31.64
CA GLN A 14 11.67 -51.46 -30.94
C GLN A 14 13.00 -51.00 -30.36
N LEU A 15 13.69 -50.07 -31.01
CA LEU A 15 14.95 -49.59 -30.48
C LEU A 15 14.70 -48.61 -29.36
N ASP A 16 13.62 -47.83 -29.45
CA ASP A 16 13.29 -46.91 -28.37
C ASP A 16 12.83 -47.65 -27.12
N ILE A 17 12.02 -48.70 -27.32
CA ILE A 17 11.63 -49.57 -26.22
C ILE A 17 12.87 -49.98 -25.44
N LYS A 18 13.88 -50.48 -26.15
CA LYS A 18 15.09 -51.04 -25.53
C LYS A 18 16.03 -49.98 -24.94
N CYS A 19 15.95 -48.78 -25.50
CA CYS A 19 16.72 -47.66 -25.00
C CYS A 19 16.10 -47.20 -23.68
N ALA A 20 14.78 -47.05 -23.66
CA ALA A 20 14.06 -46.59 -22.47
C ALA A 20 14.22 -47.54 -21.30
N HIS A 21 14.33 -48.84 -21.62
CA HIS A 21 14.43 -49.87 -20.60
C HIS A 21 15.75 -49.70 -19.87
N GLU A 22 16.82 -49.64 -20.64
CA GLU A 22 18.15 -49.46 -20.09
C GLU A 22 18.25 -48.17 -19.30
N GLN A 23 17.68 -47.09 -19.81
CA GLN A 23 17.71 -45.81 -19.13
C GLN A 23 16.95 -45.84 -17.84
N MET A 24 15.94 -46.68 -17.80
CA MET A 24 15.13 -46.78 -16.59
C MET A 24 15.91 -47.54 -15.52
N ASN A 25 16.64 -48.56 -15.93
CA ASN A 25 17.44 -49.29 -14.99
C ASN A 25 18.44 -48.37 -14.37
N ILE A 26 19.10 -47.53 -15.15
CA ILE A 26 19.97 -46.53 -14.54
C ILE A 26 19.13 -45.57 -13.71
N GLN A 27 17.99 -45.14 -14.21
CA GLN A 27 17.15 -44.20 -13.45
C GLN A 27 16.89 -44.69 -12.04
N LYS A 28 16.67 -46.00 -11.90
CA LYS A 28 16.22 -46.54 -10.62
C LYS A 28 17.41 -46.99 -9.81
N GLN A 29 18.59 -46.92 -10.41
CA GLN A 29 19.81 -47.03 -9.64
C GLN A 29 19.92 -45.80 -8.73
N TYR A 30 19.82 -44.62 -9.34
CA TYR A 30 20.08 -43.38 -8.62
C TYR A 30 18.91 -42.93 -7.74
N ASP A 31 17.68 -43.20 -8.15
CA ASP A 31 16.51 -43.01 -7.30
C ASP A 31 16.76 -43.57 -5.90
N GLU A 32 17.39 -44.75 -5.87
CA GLU A 32 17.75 -45.43 -4.64
C GLU A 32 18.93 -44.76 -3.93
N LYS A 33 19.83 -44.17 -4.70
CA LYS A 33 20.98 -43.54 -4.08
C LYS A 33 20.54 -42.24 -3.44
N LYS A 34 19.56 -41.61 -4.04
CA LYS A 34 19.01 -40.37 -3.53
C LYS A 34 18.29 -40.53 -2.21
N LYS A 35 17.62 -41.66 -2.01
CA LYS A 35 16.81 -41.88 -0.80
C LYS A 35 17.52 -41.38 0.48
N PRO A 36 18.77 -41.80 0.71
CA PRO A 36 19.49 -41.27 1.88
C PRO A 36 19.61 -39.75 1.89
N LEU A 37 19.96 -39.14 0.77
CA LEU A 37 20.10 -37.68 0.69
C LEU A 37 18.80 -36.97 1.09
N PHE A 38 17.68 -37.43 0.53
CA PHE A 38 16.39 -36.86 0.87
C PHE A 38 16.10 -37.00 2.36
N GLU A 39 16.60 -38.06 2.98
CA GLU A 39 16.29 -38.24 4.38
C GLU A 39 17.19 -37.40 5.25
N LYS A 40 18.43 -37.22 4.81
CA LYS A 40 19.38 -36.41 5.55
C LYS A 40 19.01 -34.91 5.36
N ARG A 41 18.28 -34.61 4.31
CA ARG A 41 17.76 -33.27 4.07
C ARG A 41 16.56 -32.96 4.99
N ASP A 42 15.70 -33.96 5.19
CA ASP A 42 14.59 -33.81 6.12
C ASP A 42 15.07 -33.47 7.54
N GLU A 43 16.25 -33.97 7.89
CA GLU A 43 16.79 -33.73 9.21
C GLU A 43 17.20 -32.27 9.34
N ILE A 44 17.63 -31.68 8.24
CA ILE A 44 18.00 -30.28 8.24
C ILE A 44 16.77 -29.39 8.28
N ILE A 45 15.72 -29.80 7.57
CA ILE A 45 14.48 -29.06 7.55
C ILE A 45 13.93 -28.99 8.96
N GLN A 46 14.13 -30.05 9.73
CA GLN A 46 13.69 -30.11 11.12
C GLN A 46 14.33 -29.06 11.98
N LYS A 47 15.50 -28.59 11.57
CA LYS A 47 16.26 -27.66 12.37
C LYS A 47 16.06 -26.24 11.87
N ILE A 48 15.15 -26.07 10.90
CA ILE A 48 14.88 -24.77 10.29
C ILE A 48 13.43 -24.39 10.53
N PRO A 49 13.21 -23.47 11.49
CA PRO A 49 11.92 -23.05 12.05
C PRO A 49 10.88 -22.62 11.02
N GLY A 50 9.82 -23.40 10.90
CA GLY A 50 8.72 -23.09 9.99
C GLY A 50 9.13 -23.10 8.53
N PHE A 51 10.01 -24.03 8.17
CA PHE A 51 10.56 -24.12 6.83
C PHE A 51 9.52 -24.34 5.72
N TRP A 52 8.66 -25.32 5.86
CA TRP A 52 7.76 -25.57 4.72
C TRP A 52 6.77 -24.43 4.59
N ALA A 53 6.31 -23.89 5.71
CA ALA A 53 5.38 -22.76 5.65
C ALA A 53 5.94 -21.65 4.79
N ASN A 54 7.18 -21.27 5.06
CA ASN A 54 7.86 -20.23 4.32
C ASN A 54 8.39 -20.67 2.97
N THR A 55 8.42 -21.97 2.71
CA THR A 55 8.78 -22.41 1.38
C THR A 55 7.59 -22.39 0.44
N LEU A 56 6.55 -23.13 0.79
CA LEU A 56 5.39 -23.32 -0.08
C LEU A 56 4.83 -22.02 -0.68
N ARG A 57 4.61 -21.04 0.18
CA ARG A 57 3.94 -19.81 -0.23
C ARG A 57 4.90 -18.77 -0.86
N LYS A 58 6.11 -19.20 -1.18
CA LYS A 58 6.95 -18.43 -2.07
C LYS A 58 6.84 -18.98 -3.49
N HIS A 59 6.04 -20.01 -3.68
CA HIS A 59 5.70 -20.42 -5.02
C HIS A 59 4.52 -19.58 -5.48
N PRO A 60 4.68 -18.87 -6.62
CA PRO A 60 3.62 -18.01 -7.16
C PRO A 60 2.20 -18.58 -7.04
N ALA A 61 2.00 -19.86 -7.35
CA ALA A 61 0.65 -20.42 -7.37
C ALA A 61 0.07 -20.65 -5.98
N LEU A 62 0.89 -20.46 -4.96
CA LEU A 62 0.45 -20.75 -3.61
C LEU A 62 0.54 -19.52 -2.75
N SER A 63 1.04 -18.44 -3.33
CA SER A 63 1.37 -17.26 -2.54
C SER A 63 0.12 -16.60 -1.95
N ASP A 64 -1.02 -16.77 -2.63
CA ASP A 64 -2.25 -16.11 -2.20
C ASP A 64 -3.20 -17.10 -1.55
N ILE A 65 -2.68 -17.79 -0.54
CA ILE A 65 -3.46 -18.63 0.35
C ILE A 65 -3.79 -17.86 1.64
N VAL A 66 -4.87 -18.25 2.30
CA VAL A 66 -5.36 -17.52 3.44
C VAL A 66 -4.27 -17.50 4.50
N PRO A 67 -4.19 -16.42 5.30
CA PRO A 67 -3.12 -16.36 6.29
C PRO A 67 -3.26 -17.47 7.30
N GLU A 68 -4.48 -17.95 7.46
CA GLU A 68 -4.77 -18.98 8.44
C GLU A 68 -4.01 -20.24 8.11
N ASP A 69 -3.87 -20.51 6.82
CA ASP A 69 -3.13 -21.67 6.37
C ASP A 69 -1.78 -21.79 7.05
N ILE A 70 -1.20 -20.63 7.35
CA ILE A 70 0.18 -20.55 7.81
C ILE A 70 0.26 -21.06 9.22
N ASP A 71 -0.81 -20.84 9.98
CA ASP A 71 -0.85 -21.24 11.39
C ASP A 71 -0.65 -22.73 11.57
N ILE A 72 -1.29 -23.52 10.71
CA ILE A 72 -1.12 -24.97 10.69
C ILE A 72 0.21 -25.36 10.02
N LEU A 73 0.43 -24.84 8.81
CA LEU A 73 1.67 -25.10 8.08
C LEU A 73 2.93 -24.83 8.89
N ASN A 74 2.85 -23.90 9.82
CA ASN A 74 3.99 -23.60 10.71
C ASN A 74 4.39 -24.76 11.62
N HIS A 75 3.61 -25.85 11.57
CA HIS A 75 3.87 -27.06 12.33
C HIS A 75 3.98 -28.26 11.38
N LEU A 76 4.16 -27.97 10.09
CA LEU A 76 4.48 -29.01 9.13
C LEU A 76 5.95 -29.36 9.37
N VAL A 77 6.19 -30.46 10.08
CA VAL A 77 7.54 -30.86 10.42
C VAL A 77 8.15 -31.67 9.25
N LYS A 78 7.30 -32.24 8.39
CA LYS A 78 7.78 -33.18 7.37
C LYS A 78 6.86 -33.27 6.15
N LEU A 79 7.48 -33.17 4.98
CA LEU A 79 6.77 -33.31 3.72
C LEU A 79 7.52 -34.31 2.88
N ASP A 80 6.83 -35.30 2.32
CA ASP A 80 7.56 -36.27 1.50
C ASP A 80 6.86 -36.67 0.24
N LEU A 81 7.65 -36.67 -0.81
CA LEU A 81 7.21 -37.15 -2.09
C LEU A 81 7.72 -38.57 -2.22
N LYS A 82 6.80 -39.49 -2.47
CA LYS A 82 7.13 -40.82 -2.99
C LYS A 82 6.75 -40.79 -4.45
N ASP A 83 7.77 -40.60 -5.27
CA ASP A 83 7.59 -40.41 -6.69
C ASP A 83 7.83 -41.69 -7.44
N ASN A 84 7.41 -41.68 -8.70
CA ASN A 84 7.68 -42.77 -9.64
C ASN A 84 7.40 -44.18 -9.08
N MET A 85 6.14 -44.46 -8.74
CA MET A 85 5.78 -45.76 -8.20
C MET A 85 5.26 -46.62 -9.34
N ASP A 86 4.37 -46.02 -10.12
CA ASP A 86 4.02 -46.50 -11.44
C ASP A 86 5.02 -45.95 -12.44
N ASN A 87 5.04 -46.57 -13.60
CA ASN A 87 5.71 -46.01 -14.77
C ASN A 87 4.70 -45.14 -15.55
N ASN A 88 3.85 -44.43 -14.82
CA ASN A 88 2.69 -43.77 -15.38
C ASN A 88 2.49 -42.39 -14.79
N GLY A 89 3.45 -41.98 -13.99
CA GLY A 89 3.41 -40.68 -13.33
C GLY A 89 2.65 -40.77 -12.02
N SER A 90 2.84 -41.83 -11.28
CA SER A 90 2.10 -41.97 -10.04
C SER A 90 2.91 -41.45 -8.86
N TYR A 91 2.24 -40.90 -7.84
CA TYR A 91 2.92 -40.43 -6.62
C TYR A 91 2.03 -40.29 -5.37
N LYS A 92 2.71 -40.19 -4.23
CA LYS A 92 2.07 -40.11 -2.92
C LYS A 92 2.76 -39.02 -2.08
N ILE A 93 2.02 -37.99 -1.69
CA ILE A 93 2.61 -36.95 -0.87
C ILE A 93 2.06 -37.03 0.56
N THR A 94 2.95 -36.86 1.53
CA THR A 94 2.67 -37.12 2.92
C THR A 94 3.07 -35.92 3.80
N PHE A 95 2.08 -35.34 4.47
CA PHE A 95 2.29 -34.21 5.39
C PHE A 95 2.30 -34.71 6.84
N ILE A 96 3.39 -34.50 7.57
CA ILE A 96 3.40 -34.90 8.97
C ILE A 96 3.49 -33.66 9.85
N PHE A 97 2.51 -33.51 10.75
CA PHE A 97 2.44 -32.32 11.59
C PHE A 97 2.84 -32.59 13.02
N GLY A 98 3.65 -31.70 13.59
CA GLY A 98 3.97 -31.74 15.00
C GLY A 98 2.75 -31.66 15.88
N GLU A 99 2.92 -32.05 17.14
CA GLU A 99 1.88 -32.15 18.14
C GLU A 99 1.00 -30.91 18.27
N LYS A 100 1.61 -29.73 18.14
CA LYS A 100 0.92 -28.47 18.38
C LYS A 100 -0.19 -28.24 17.38
N ALA A 101 -0.14 -28.98 16.28
CA ALA A 101 -1.14 -28.87 15.25
C ALA A 101 -2.45 -29.50 15.70
N LYS A 102 -2.41 -30.19 16.84
CA LYS A 102 -3.60 -30.79 17.40
C LYS A 102 -4.57 -29.73 17.92
N GLU A 103 -4.12 -28.47 17.96
CA GLU A 103 -5.02 -27.38 18.27
C GLU A 103 -6.06 -27.21 17.17
N PHE A 104 -5.68 -27.58 15.94
CA PHE A 104 -6.48 -27.26 14.75
C PHE A 104 -7.13 -28.46 14.06
N MET A 105 -6.57 -29.66 14.26
CA MET A 105 -6.93 -30.79 13.41
C MET A 105 -6.46 -32.13 13.93
N GLU A 106 -6.89 -33.16 13.20
CA GLU A 106 -6.60 -34.58 13.40
C GLU A 106 -6.89 -35.26 12.07
N PRO A 107 -6.07 -36.26 11.69
CA PRO A 107 -4.85 -36.72 12.35
C PRO A 107 -3.67 -35.84 11.92
N LEU A 108 -2.47 -36.14 12.42
CA LEU A 108 -1.33 -35.26 12.24
C LEU A 108 -0.57 -35.67 11.00
N THR A 109 -0.93 -36.84 10.47
CA THR A 109 -0.40 -37.33 9.20
C THR A 109 -1.47 -37.25 8.15
N LEU A 110 -1.24 -36.43 7.12
CA LEU A 110 -2.14 -36.34 5.98
C LEU A 110 -1.49 -37.01 4.76
N VAL A 111 -2.21 -37.90 4.09
CA VAL A 111 -1.68 -38.48 2.86
C VAL A 111 -2.61 -38.24 1.69
N LYS A 112 -2.02 -38.09 0.51
CA LYS A 112 -2.79 -38.13 -0.71
C LYS A 112 -2.01 -38.90 -1.77
N HIS A 113 -2.60 -40.01 -2.21
CA HIS A 113 -1.99 -40.94 -3.14
C HIS A 113 -2.75 -40.81 -4.46
N VAL A 114 -2.01 -40.59 -5.54
CA VAL A 114 -2.59 -40.23 -6.84
C VAL A 114 -2.13 -41.13 -7.99
N THR A 115 -3.05 -41.52 -8.89
CA THR A 115 -2.63 -42.15 -10.13
C THR A 115 -3.17 -41.39 -11.32
N PHE A 116 -2.81 -41.88 -12.50
CA PHE A 116 -3.33 -41.39 -13.81
C PHE A 116 -3.70 -42.57 -14.70
N ASP A 117 -4.78 -42.37 -15.46
CA ASP A 117 -5.33 -43.35 -16.38
C ASP A 117 -5.19 -42.87 -17.82
N ASN A 118 -6.08 -42.00 -18.29
CA ASN A 118 -5.90 -41.53 -19.70
C ASN A 118 -5.63 -40.03 -19.59
N ASN A 119 -4.52 -39.73 -18.90
CA ASN A 119 -4.13 -38.35 -18.58
C ASN A 119 -5.19 -37.58 -17.80
N GLN A 120 -6.22 -38.32 -17.41
CA GLN A 120 -7.11 -37.95 -16.32
C GLN A 120 -6.48 -38.48 -15.01
N GLU A 121 -6.52 -37.63 -13.99
CA GLU A 121 -5.97 -37.95 -12.67
C GLU A 121 -7.01 -38.61 -11.80
N LYS A 122 -6.59 -39.58 -11.02
CA LYS A 122 -7.48 -40.28 -10.09
C LYS A 122 -6.85 -40.34 -8.72
N VAL A 123 -7.60 -39.91 -7.71
CA VAL A 123 -7.13 -39.96 -6.33
C VAL A 123 -7.49 -41.30 -5.65
N VAL A 124 -6.45 -42.09 -5.39
CA VAL A 124 -6.57 -43.44 -4.82
C VAL A 124 -6.71 -43.39 -3.29
N GLU A 125 -5.99 -42.46 -2.66
CA GLU A 125 -6.08 -42.32 -1.21
C GLU A 125 -6.17 -40.85 -0.81
N CYS A 126 -6.89 -40.56 0.27
CA CYS A 126 -6.85 -39.22 0.83
C CYS A 126 -7.35 -39.09 2.26
N THR A 127 -6.56 -38.45 3.10
CA THR A 127 -6.93 -38.29 4.49
C THR A 127 -8.07 -37.29 4.63
N ARG A 128 -9.02 -37.64 5.48
CA ARG A 128 -10.11 -36.76 5.79
C ARG A 128 -9.63 -35.97 6.99
N ILE A 129 -9.42 -34.68 6.80
CA ILE A 129 -9.02 -33.83 7.88
C ILE A 129 -10.23 -33.53 8.74
N LYS A 130 -10.07 -33.72 10.04
CA LYS A 130 -11.12 -33.40 10.97
C LYS A 130 -10.67 -32.18 11.76
N TRP A 131 -11.07 -31.01 11.24
CA TRP A 131 -10.79 -29.72 11.85
C TRP A 131 -11.47 -29.60 13.20
N LYS A 132 -10.76 -29.03 14.18
CA LYS A 132 -11.35 -28.78 15.48
C LYS A 132 -12.37 -27.65 15.31
N GLU A 133 -13.30 -27.54 16.26
CA GLU A 133 -14.32 -26.49 16.22
C GLU A 133 -13.69 -25.10 16.16
N GLY A 134 -14.10 -24.34 15.16
CA GLY A 134 -13.61 -22.99 14.96
C GLY A 134 -12.20 -22.89 14.43
N LYS A 135 -11.62 -24.00 14.01
CA LYS A 135 -10.20 -23.96 13.61
C LYS A 135 -9.98 -24.21 12.11
N ASN A 136 -11.05 -24.49 11.38
CA ASN A 136 -10.92 -24.76 9.96
C ASN A 136 -10.60 -23.50 9.19
N PRO A 137 -9.46 -23.48 8.47
CA PRO A 137 -9.11 -22.29 7.67
C PRO A 137 -9.78 -22.27 6.28
N ILE A 138 -10.34 -23.40 5.86
CA ILE A 138 -11.07 -23.47 4.60
C ILE A 138 -12.35 -22.71 4.83
N ALA A 139 -12.53 -22.24 6.06
CA ALA A 139 -13.68 -21.42 6.41
C ALA A 139 -13.23 -19.98 6.58
N ALA A 140 -12.72 -19.36 5.52
CA ALA A 140 -12.31 -17.96 5.62
C ALA A 140 -12.24 -17.25 4.26
N PRO A 153 -8.57 -12.11 -3.54
CA PRO A 153 -8.94 -13.48 -3.90
C PRO A 153 -8.07 -14.50 -3.15
N LYS A 154 -8.67 -15.56 -2.62
CA LYS A 154 -7.87 -16.61 -1.96
C LYS A 154 -8.60 -17.94 -1.71
N TRP A 155 -7.81 -18.98 -1.49
CA TRP A 155 -8.29 -20.33 -1.22
C TRP A 155 -7.45 -20.88 -0.09
N SER A 156 -7.78 -22.07 0.40
CA SER A 156 -6.94 -22.72 1.42
C SER A 156 -6.19 -23.94 0.85
N ILE A 157 -4.87 -23.94 1.00
CA ILE A 157 -4.04 -25.06 0.55
C ILE A 157 -4.57 -26.42 1.00
N PHE A 158 -5.21 -26.46 2.16
CA PHE A 158 -5.73 -27.70 2.69
C PHE A 158 -6.99 -28.14 1.97
N GLU A 159 -7.48 -27.31 1.05
CA GLU A 159 -8.54 -27.75 0.13
C GLU A 159 -8.04 -28.77 -0.87
N TRP A 160 -6.71 -28.92 -0.93
CA TRP A 160 -6.09 -29.86 -1.84
C TRP A 160 -6.32 -31.30 -1.39
N PHE A 161 -6.67 -31.48 -0.11
CA PHE A 161 -6.93 -32.81 0.43
C PHE A 161 -8.38 -33.27 0.23
N THR A 162 -8.80 -33.30 -1.04
CA THR A 162 -10.05 -33.91 -1.46
C THR A 162 -9.86 -35.05 -2.49
N THR A 163 -10.97 -35.76 -2.75
CA THR A 163 -11.02 -36.81 -3.76
C THR A 163 -11.52 -36.17 -5.03
N ASP A 164 -12.27 -35.09 -4.87
CA ASP A 164 -12.91 -34.45 -5.99
C ASP A 164 -11.83 -33.86 -6.89
N GLU A 165 -12.18 -33.54 -8.13
CA GLU A 165 -11.25 -32.84 -8.98
C GLU A 165 -11.09 -31.39 -8.45
N LEU A 166 -10.01 -30.71 -8.88
CA LEU A 166 -9.70 -29.35 -8.46
C LEU A 166 -9.82 -28.37 -9.65
N GLN A 167 -11.01 -27.97 -10.07
CA GLN A 167 -11.06 -27.10 -11.25
C GLN A 167 -10.66 -25.67 -10.84
N ASP A 168 -9.80 -25.07 -11.66
CA ASP A 168 -9.28 -23.70 -11.49
C ASP A 168 -8.74 -23.47 -10.07
N LYS A 169 -8.19 -24.55 -9.50
CA LYS A 169 -7.63 -24.53 -8.16
C LYS A 169 -6.33 -25.34 -8.13
N PRO A 170 -5.22 -24.66 -7.80
CA PRO A 170 -3.82 -25.11 -7.89
C PRO A 170 -3.55 -26.55 -7.45
N ASP A 171 -3.01 -27.34 -8.37
CA ASP A 171 -2.54 -28.68 -8.07
C ASP A 171 -1.27 -28.65 -7.19
N VAL A 172 -1.48 -28.64 -5.87
CA VAL A 172 -0.39 -28.56 -4.89
C VAL A 172 0.50 -29.77 -5.03
N GLY A 173 -0.12 -30.90 -5.37
CA GLY A 173 0.60 -32.11 -5.70
C GLY A 173 1.58 -31.95 -6.84
N GLU A 174 1.11 -31.41 -7.96
CA GLU A 174 1.95 -31.34 -9.15
C GLU A 174 3.01 -30.29 -9.01
N LEU A 175 2.66 -29.15 -8.43
CA LEU A 175 3.65 -28.11 -8.21
C LEU A 175 4.76 -28.63 -7.31
N ILE A 176 4.39 -29.42 -6.29
CA ILE A 176 5.39 -30.00 -5.41
C ILE A 176 6.31 -30.93 -6.19
N ARG A 177 5.72 -31.93 -6.84
CA ARG A 177 6.46 -32.92 -7.60
C ARG A 177 7.38 -32.29 -8.63
N ARG A 178 6.83 -31.40 -9.45
CA ARG A 178 7.51 -30.89 -10.64
C ARG A 178 8.35 -29.65 -10.41
N GLU A 179 8.08 -28.90 -9.35
CA GLU A 179 8.78 -27.64 -9.18
C GLU A 179 9.49 -27.45 -7.85
N ILE A 180 8.90 -27.95 -6.75
CA ILE A 180 9.40 -27.58 -5.43
C ILE A 180 10.24 -28.66 -4.77
N TRP A 181 9.85 -29.91 -4.96
CA TRP A 181 10.46 -31.03 -4.24
C TRP A 181 11.95 -31.25 -4.45
N HIS A 182 12.43 -31.04 -5.68
CA HIS A 182 13.82 -31.32 -6.02
C HIS A 182 14.77 -30.37 -5.31
N ASN A 183 14.38 -29.10 -5.24
CA ASN A 183 15.13 -28.13 -4.44
C ASN A 183 14.26 -27.07 -3.81
N PRO A 184 13.74 -27.35 -2.61
CA PRO A 184 12.91 -26.44 -1.81
C PRO A 184 13.69 -25.28 -1.26
N LEU A 185 15.01 -25.40 -1.23
CA LEU A 185 15.85 -24.33 -0.68
C LEU A 185 15.80 -23.09 -1.57
N SER A 186 15.78 -23.32 -2.89
CA SER A 186 15.49 -22.29 -3.86
C SER A 186 14.30 -21.42 -3.45
N TYR A 187 13.24 -22.06 -3.01
CA TYR A 187 12.03 -21.35 -2.65
C TYR A 187 12.10 -20.76 -1.23
N TYR A 188 12.84 -21.39 -0.34
CA TYR A 188 13.01 -20.81 0.99
C TYR A 188 13.79 -19.49 0.90
N LEU A 189 14.59 -19.38 -0.15
CA LEU A 189 15.34 -18.18 -0.50
C LEU A 189 14.73 -17.56 -1.79
N PHE B 1 23.42 -24.88 8.88
CA PHE B 1 22.11 -25.39 8.46
C PHE B 1 21.76 -24.94 7.06
N MET B 2 21.82 -23.63 6.84
CA MET B 2 21.68 -23.12 5.48
C MET B 2 22.82 -23.65 4.62
N GLN B 3 23.96 -23.96 5.24
CA GLN B 3 25.05 -24.55 4.46
C GLN B 3 24.88 -26.05 4.29
N ASP B 4 24.47 -26.74 5.36
CA ASP B 4 24.10 -28.16 5.28
C ASP B 4 23.06 -28.45 4.21
N PHE B 5 22.09 -27.55 4.05
CA PHE B 5 21.06 -27.67 3.03
C PHE B 5 21.67 -27.45 1.65
N GLU B 6 22.54 -26.45 1.53
CA GLU B 6 23.09 -26.10 0.24
C GLU B 6 24.01 -27.22 -0.23
N ASP B 7 24.56 -27.95 0.74
CA ASP B 7 25.48 -29.07 0.52
C ASP B 7 24.76 -30.33 0.04
N ILE B 8 23.54 -30.53 0.53
CA ILE B 8 22.86 -31.77 0.23
C ILE B 8 22.18 -31.66 -1.09
N GLN B 9 21.91 -30.43 -1.51
CA GLN B 9 21.34 -30.24 -2.83
C GLN B 9 22.39 -30.50 -3.91
N LYS B 10 23.63 -30.09 -3.65
CA LYS B 10 24.75 -30.38 -4.57
C LYS B 10 25.02 -31.87 -4.65
N ASP B 11 24.96 -32.54 -3.50
CA ASP B 11 24.96 -34.00 -3.42
C ASP B 11 23.86 -34.63 -4.26
N ILE B 12 22.68 -34.03 -4.20
CA ILE B 12 21.56 -34.51 -4.98
C ILE B 12 21.77 -34.12 -6.43
N GLU B 13 22.15 -32.87 -6.65
CA GLU B 13 22.30 -32.37 -8.02
C GLU B 13 23.31 -33.17 -8.80
N GLN B 14 24.43 -33.53 -8.17
CA GLN B 14 25.46 -34.18 -8.95
C GLN B 14 25.20 -35.66 -9.11
N LEU B 15 24.41 -36.21 -8.21
CA LEU B 15 23.84 -37.53 -8.46
C LEU B 15 22.87 -37.41 -9.66
N ASP B 16 22.31 -36.23 -9.88
CA ASP B 16 21.34 -36.04 -10.95
C ASP B 16 22.08 -35.97 -12.25
N ILE B 17 23.04 -35.05 -12.27
CA ILE B 17 24.01 -34.91 -13.34
C ILE B 17 24.55 -36.29 -13.77
N LYS B 18 25.12 -37.02 -12.84
CA LYS B 18 25.62 -38.30 -13.22
C LYS B 18 24.54 -39.01 -13.93
N CYS B 19 23.49 -39.26 -13.21
CA CYS B 19 22.47 -40.11 -13.79
C CYS B 19 22.23 -39.68 -15.24
N ALA B 20 22.03 -38.38 -15.46
CA ALA B 20 21.71 -37.89 -16.78
C ALA B 20 22.82 -38.23 -17.77
N HIS B 21 24.04 -38.25 -17.27
CA HIS B 21 25.18 -38.53 -18.12
C HIS B 21 25.12 -39.97 -18.61
N GLU B 22 25.01 -40.91 -17.70
CA GLU B 22 24.99 -42.28 -18.09
C GLU B 22 23.83 -42.57 -18.99
N GLN B 23 22.72 -41.91 -18.77
CA GLN B 23 21.51 -42.13 -19.54
C GLN B 23 21.61 -41.60 -20.93
N MET B 24 22.38 -40.56 -21.08
CA MET B 24 22.59 -39.94 -22.34
C MET B 24 23.37 -40.95 -23.14
N ASN B 25 24.56 -41.28 -22.61
CA ASN B 25 25.51 -42.24 -23.16
C ASN B 25 24.84 -43.45 -23.74
N ILE B 26 23.73 -43.82 -23.16
CA ILE B 26 22.88 -44.87 -23.66
C ILE B 26 22.04 -44.32 -24.82
N GLN B 27 21.49 -43.12 -24.66
CA GLN B 27 20.76 -42.49 -25.74
C GLN B 27 21.58 -42.55 -27.04
N LYS B 28 22.82 -42.05 -26.98
CA LYS B 28 23.71 -42.03 -28.14
C LYS B 28 23.92 -43.39 -28.80
N GLN B 29 24.28 -44.42 -28.03
CA GLN B 29 24.41 -45.78 -28.58
C GLN B 29 23.22 -46.22 -29.40
N TYR B 30 22.04 -45.73 -29.04
CA TYR B 30 20.84 -46.10 -29.77
C TYR B 30 20.53 -45.10 -30.89
N ASP B 31 20.87 -43.82 -30.67
CA ASP B 31 20.78 -42.81 -31.72
C ASP B 31 21.59 -43.24 -32.93
N GLU B 32 22.65 -44.00 -32.68
CA GLU B 32 23.52 -44.47 -33.74
C GLU B 32 22.94 -45.70 -34.42
N LYS B 33 22.31 -46.58 -33.65
CA LYS B 33 21.63 -47.74 -34.22
C LYS B 33 20.46 -47.29 -35.09
N LYS B 34 19.82 -46.20 -34.68
CA LYS B 34 18.63 -45.67 -35.34
C LYS B 34 18.94 -44.85 -36.60
N LYS B 35 20.18 -44.38 -36.71
CA LYS B 35 20.57 -43.49 -37.81
C LYS B 35 20.29 -44.10 -39.18
N PRO B 36 20.73 -45.35 -39.43
CA PRO B 36 20.32 -45.92 -40.70
C PRO B 36 18.79 -45.98 -40.92
N LEU B 37 18.04 -46.17 -39.84
CA LEU B 37 16.60 -46.33 -39.95
C LEU B 37 15.91 -45.01 -40.22
N PHE B 38 16.53 -43.90 -39.85
CA PHE B 38 15.99 -42.62 -40.24
C PHE B 38 16.29 -42.38 -41.71
N GLU B 39 17.49 -42.74 -42.16
CA GLU B 39 17.80 -42.64 -43.60
C GLU B 39 16.74 -43.34 -44.51
N LYS B 40 16.30 -44.54 -44.16
CA LYS B 40 15.26 -45.21 -44.93
C LYS B 40 13.90 -44.51 -44.78
N ARG B 41 13.58 -44.09 -43.56
CA ARG B 41 12.35 -43.34 -43.34
C ARG B 41 12.31 -42.06 -44.18
N ASP B 42 13.40 -41.34 -44.17
CA ASP B 42 13.55 -40.15 -44.97
C ASP B 42 13.54 -40.52 -46.42
N GLU B 43 14.12 -41.66 -46.75
CA GLU B 43 14.14 -42.14 -48.14
C GLU B 43 12.74 -42.43 -48.59
N ILE B 44 11.96 -43.03 -47.72
CA ILE B 44 10.57 -43.34 -47.99
C ILE B 44 9.67 -42.13 -48.12
N ILE B 45 9.89 -41.13 -47.28
CA ILE B 45 9.03 -39.98 -47.27
C ILE B 45 9.04 -39.31 -48.61
N GLN B 46 10.22 -39.22 -49.17
CA GLN B 46 10.38 -38.61 -50.50
C GLN B 46 9.42 -39.20 -51.54
N LYS B 47 8.89 -40.39 -51.30
CA LYS B 47 7.95 -41.01 -52.25
C LYS B 47 6.47 -40.85 -51.83
N ILE B 48 6.21 -40.01 -50.85
CA ILE B 48 4.85 -39.68 -50.44
C ILE B 48 4.68 -38.17 -50.68
N PRO B 49 4.09 -37.78 -51.82
CA PRO B 49 3.95 -36.36 -52.13
C PRO B 49 3.43 -35.51 -50.97
N GLY B 50 4.20 -34.48 -50.59
CA GLY B 50 3.79 -33.54 -49.59
C GLY B 50 3.50 -34.13 -48.23
N PHE B 51 4.31 -35.11 -47.84
CA PHE B 51 4.15 -35.78 -46.56
C PHE B 51 4.16 -34.80 -45.38
N TRP B 52 5.28 -34.14 -45.17
CA TRP B 52 5.42 -33.22 -44.05
C TRP B 52 4.39 -32.13 -44.04
N ALA B 53 4.09 -31.59 -45.23
CA ALA B 53 3.12 -30.49 -45.35
C ALA B 53 1.76 -30.86 -44.77
N ASN B 54 1.50 -32.15 -44.70
CA ASN B 54 0.19 -32.76 -44.48
C ASN B 54 0.14 -33.42 -43.12
N THR B 55 1.32 -33.78 -42.64
CA THR B 55 1.54 -34.33 -41.33
C THR B 55 1.47 -33.29 -40.21
N LEU B 56 2.17 -32.17 -40.42
CA LEU B 56 2.19 -31.12 -39.42
C LEU B 56 0.79 -30.57 -39.18
N ARG B 57 0.12 -30.08 -40.21
CA ARG B 57 -1.15 -29.39 -39.96
C ARG B 57 -2.26 -30.32 -39.45
N LYS B 58 -2.09 -31.63 -39.49
CA LYS B 58 -3.07 -32.52 -38.88
C LYS B 58 -2.88 -32.58 -37.38
N HIS B 59 -1.86 -31.89 -36.88
CA HIS B 59 -1.63 -31.78 -35.45
C HIS B 59 -2.55 -30.62 -35.07
N PRO B 60 -3.41 -30.83 -34.07
CA PRO B 60 -4.38 -29.78 -33.70
C PRO B 60 -3.77 -28.39 -33.48
N ALA B 61 -2.57 -28.32 -32.93
CA ALA B 61 -1.95 -27.02 -32.66
C ALA B 61 -1.67 -26.23 -33.94
N LEU B 62 -1.32 -26.94 -34.99
CA LEU B 62 -0.94 -26.26 -36.21
C LEU B 62 -2.11 -26.09 -37.13
N SER B 63 -3.25 -26.69 -36.76
CA SER B 63 -4.42 -26.75 -37.63
C SER B 63 -5.02 -25.37 -37.91
N ASP B 64 -4.37 -24.33 -37.41
CA ASP B 64 -4.90 -22.98 -37.49
C ASP B 64 -4.03 -22.14 -38.39
N ILE B 65 -3.18 -22.79 -39.19
CA ILE B 65 -2.20 -22.02 -39.97
C ILE B 65 -2.68 -21.53 -41.31
N VAL B 66 -2.05 -20.44 -41.74
CA VAL B 66 -2.48 -19.71 -42.93
C VAL B 66 -2.04 -20.44 -44.19
N PRO B 67 -2.92 -20.52 -45.16
CA PRO B 67 -2.80 -21.17 -46.44
C PRO B 67 -1.43 -21.03 -47.09
N GLU B 68 -0.80 -19.86 -47.05
CA GLU B 68 0.49 -19.69 -47.69
C GLU B 68 1.62 -20.53 -47.09
N ASP B 69 1.47 -20.99 -45.85
CA ASP B 69 2.47 -21.87 -45.26
C ASP B 69 2.52 -23.19 -46.05
N ILE B 70 1.33 -23.65 -46.42
CA ILE B 70 1.17 -24.90 -47.16
C ILE B 70 1.97 -24.86 -48.46
N ASP B 71 1.81 -23.76 -49.19
CA ASP B 71 2.55 -23.57 -50.44
C ASP B 71 4.03 -23.89 -50.26
N ILE B 72 4.60 -23.44 -49.15
CA ILE B 72 6.03 -23.62 -48.88
C ILE B 72 6.26 -25.03 -48.33
N LEU B 73 5.47 -25.35 -47.32
CA LEU B 73 5.54 -26.67 -46.73
C LEU B 73 5.45 -27.78 -47.79
N ASN B 74 4.69 -27.56 -48.86
CA ASN B 74 4.58 -28.56 -49.93
C ASN B 74 5.93 -28.85 -50.60
N HIS B 75 6.88 -27.91 -50.50
CA HIS B 75 8.19 -28.10 -51.09
C HIS B 75 9.25 -28.38 -50.02
N LEU B 76 8.80 -28.86 -48.87
CA LEU B 76 9.68 -29.31 -47.80
C LEU B 76 10.07 -30.75 -48.04
N VAL B 77 11.30 -30.98 -48.47
CA VAL B 77 11.72 -32.32 -48.84
C VAL B 77 12.26 -33.16 -47.68
N LYS B 78 12.90 -32.53 -46.69
CA LYS B 78 13.47 -33.27 -45.54
C LYS B 78 13.34 -32.50 -44.21
N LEU B 79 12.91 -33.19 -43.16
CA LEU B 79 12.86 -32.59 -41.84
C LEU B 79 13.58 -33.48 -40.83
N ASP B 80 14.51 -32.94 -40.07
CA ASP B 80 15.26 -33.78 -39.13
C ASP B 80 15.39 -33.14 -37.76
N LEU B 81 15.16 -33.98 -36.75
CA LEU B 81 15.40 -33.64 -35.36
C LEU B 81 16.69 -34.32 -34.91
N LYS B 82 17.48 -33.56 -34.14
CA LYS B 82 18.73 -34.03 -33.53
C LYS B 82 18.58 -33.68 -32.06
N ASP B 83 18.08 -34.63 -31.28
CA ASP B 83 17.60 -34.29 -29.94
C ASP B 83 18.70 -34.56 -28.91
N ASN B 84 18.39 -34.23 -27.66
CA ASN B 84 19.23 -34.49 -26.50
C ASN B 84 20.72 -34.27 -26.82
N MET B 85 21.05 -32.99 -27.07
CA MET B 85 22.39 -32.48 -27.48
C MET B 85 23.34 -32.33 -26.30
N ASP B 86 22.79 -32.36 -25.10
CA ASP B 86 23.51 -32.00 -23.90
C ASP B 86 22.63 -32.35 -22.71
N ASN B 87 23.21 -32.30 -21.52
CA ASN B 87 22.56 -32.86 -20.35
C ASN B 87 21.32 -32.07 -19.97
N ASN B 88 21.10 -30.97 -20.66
CA ASN B 88 19.93 -30.15 -20.36
C ASN B 88 18.71 -30.51 -21.18
N GLY B 89 18.91 -30.85 -22.44
CA GLY B 89 17.80 -31.26 -23.29
C GLY B 89 17.65 -30.39 -24.53
N SER B 90 18.79 -29.90 -25.05
CA SER B 90 18.84 -29.06 -26.24
C SER B 90 18.70 -29.89 -27.50
N TYR B 91 18.00 -29.34 -28.49
CA TYR B 91 17.93 -30.00 -29.79
C TYR B 91 18.19 -29.10 -30.99
N LYS B 92 18.42 -29.72 -32.14
CA LYS B 92 18.51 -29.01 -33.41
C LYS B 92 17.49 -29.58 -34.39
N ILE B 93 16.66 -28.71 -34.96
CA ILE B 93 15.75 -29.10 -36.03
C ILE B 93 16.22 -28.49 -37.34
N THR B 94 16.22 -29.31 -38.39
CA THR B 94 16.61 -28.84 -39.72
C THR B 94 15.59 -29.13 -40.84
N PHE B 95 15.02 -28.07 -41.42
CA PHE B 95 14.16 -28.15 -42.58
C PHE B 95 14.94 -27.96 -43.86
N ILE B 96 15.11 -29.01 -44.67
CA ILE B 96 15.59 -28.82 -46.04
C ILE B 96 14.44 -28.73 -47.04
N PHE B 97 14.42 -27.66 -47.85
CA PHE B 97 13.37 -27.47 -48.85
C PHE B 97 13.88 -27.78 -50.25
N GLY B 98 12.98 -28.21 -51.12
CA GLY B 98 13.34 -28.45 -52.50
C GLY B 98 13.64 -27.14 -53.20
N GLU B 99 13.92 -27.23 -54.50
CA GLU B 99 14.36 -26.07 -55.27
C GLU B 99 13.17 -25.25 -55.76
N LYS B 100 11.99 -25.85 -55.79
CA LYS B 100 10.83 -25.07 -56.18
C LYS B 100 10.49 -24.06 -55.09
N ALA B 101 11.27 -24.05 -54.01
CA ALA B 101 11.01 -23.14 -52.88
C ALA B 101 11.86 -21.88 -53.03
N LYS B 102 12.77 -21.92 -54.01
CA LYS B 102 13.51 -20.73 -54.43
C LYS B 102 12.52 -19.62 -54.72
N GLU B 103 11.40 -19.98 -55.36
CA GLU B 103 10.29 -19.06 -55.64
C GLU B 103 9.89 -18.19 -54.43
N PHE B 104 10.16 -18.71 -53.23
CA PHE B 104 9.63 -18.13 -52.00
C PHE B 104 10.69 -17.69 -50.98
N MET B 105 11.91 -18.23 -51.07
CA MET B 105 12.93 -17.92 -50.05
C MET B 105 14.36 -18.30 -50.41
N GLU B 106 15.31 -17.76 -49.66
CA GLU B 106 16.65 -18.35 -49.50
C GLU B 106 17.04 -18.16 -48.02
N PRO B 107 17.87 -19.07 -47.48
CA PRO B 107 18.37 -20.30 -48.10
C PRO B 107 17.33 -21.40 -48.05
N LEU B 108 17.62 -22.54 -48.66
CA LEU B 108 16.67 -23.64 -48.75
C LEU B 108 16.77 -24.64 -47.59
N THR B 109 17.92 -24.69 -46.92
CA THR B 109 18.03 -25.39 -45.66
C THR B 109 17.82 -24.38 -44.53
N LEU B 110 16.92 -24.67 -43.61
CA LEU B 110 16.73 -23.82 -42.43
C LEU B 110 17.05 -24.60 -41.19
N VAL B 111 18.07 -24.19 -40.46
CA VAL B 111 18.39 -24.88 -39.22
C VAL B 111 17.88 -24.04 -38.05
N LYS B 112 17.46 -24.71 -37.00
CA LYS B 112 17.04 -24.01 -35.83
C LYS B 112 17.49 -24.78 -34.62
N HIS B 113 18.18 -24.11 -33.72
CA HIS B 113 18.64 -24.66 -32.45
C HIS B 113 17.80 -24.04 -31.35
N VAL B 114 17.35 -24.85 -30.40
CA VAL B 114 16.88 -24.28 -29.16
C VAL B 114 17.87 -24.77 -28.12
N THR B 115 18.44 -23.82 -27.38
CA THR B 115 19.46 -24.20 -26.46
C THR B 115 19.00 -23.93 -25.04
N PHE B 116 19.14 -24.94 -24.19
CA PHE B 116 18.84 -24.75 -22.78
C PHE B 116 20.14 -24.83 -21.99
N ASP B 117 20.31 -23.88 -21.08
CA ASP B 117 21.44 -23.93 -20.17
C ASP B 117 20.99 -24.68 -18.92
N ASN B 118 21.74 -24.55 -17.82
CA ASN B 118 21.44 -25.33 -16.63
C ASN B 118 20.10 -24.99 -15.98
N ASN B 119 19.41 -23.97 -16.48
CA ASN B 119 18.04 -23.62 -16.02
C ASN B 119 17.09 -23.19 -17.19
N GLN B 120 17.38 -22.07 -17.86
CA GLN B 120 16.50 -21.47 -18.88
C GLN B 120 16.88 -21.60 -20.35
N GLU B 121 16.09 -20.99 -21.23
CA GLU B 121 16.35 -21.10 -22.67
C GLU B 121 16.91 -19.85 -23.36
N LYS B 122 17.92 -20.04 -24.22
CA LYS B 122 18.33 -19.03 -25.20
C LYS B 122 18.15 -19.61 -26.60
N VAL B 123 17.49 -18.88 -27.49
CA VAL B 123 17.14 -19.49 -28.79
C VAL B 123 17.69 -18.67 -29.98
N VAL B 124 17.84 -19.33 -31.14
CA VAL B 124 18.47 -18.75 -32.32
C VAL B 124 17.82 -19.19 -33.65
N ILE B 129 16.00 -16.18 -42.78
CA ILE B 129 15.23 -16.28 -44.02
C ILE B 129 15.03 -14.92 -44.64
N LYS B 130 15.28 -14.85 -45.93
CA LYS B 130 14.99 -13.65 -46.66
C LYS B 130 13.91 -14.01 -47.70
N TRP B 131 12.75 -13.41 -47.55
CA TRP B 131 11.63 -13.65 -48.45
C TRP B 131 11.79 -12.84 -49.71
N LYS B 132 11.33 -13.42 -50.82
CA LYS B 132 11.20 -12.67 -52.05
C LYS B 132 9.91 -11.86 -51.99
N GLU B 133 9.71 -11.04 -53.02
CA GLU B 133 8.90 -9.82 -52.93
C GLU B 133 7.45 -9.98 -52.37
N GLY B 134 6.65 -10.87 -52.94
CA GLY B 134 5.25 -10.99 -52.51
C GLY B 134 4.95 -11.91 -51.33
N LYS B 135 5.97 -12.62 -50.87
CA LYS B 135 5.79 -13.78 -50.00
C LYS B 135 5.83 -13.44 -48.50
N TRP B 155 -1.32 -17.75 -38.00
CA TRP B 155 0.09 -17.34 -38.01
C TRP B 155 0.87 -18.10 -39.07
N SER B 156 2.11 -17.66 -39.27
CA SER B 156 3.00 -18.37 -40.17
C SER B 156 3.77 -19.43 -39.40
N ILE B 157 3.93 -20.60 -40.01
CA ILE B 157 4.74 -21.62 -39.37
C ILE B 157 6.17 -21.10 -39.37
N PHE B 158 6.49 -20.26 -40.35
CA PHE B 158 7.83 -19.71 -40.47
C PHE B 158 7.99 -18.51 -39.52
N GLU B 159 6.87 -18.05 -38.96
CA GLU B 159 6.89 -16.98 -37.96
C GLU B 159 7.52 -17.52 -36.66
N TRP B 160 7.69 -18.82 -36.57
CA TRP B 160 8.39 -19.46 -35.47
C TRP B 160 9.89 -19.33 -35.70
N PHE B 161 10.28 -19.01 -36.93
CA PHE B 161 11.68 -18.66 -37.23
C PHE B 161 12.01 -17.16 -36.90
N THR B 162 11.46 -16.69 -35.78
CA THR B 162 11.98 -15.51 -35.08
C THR B 162 12.88 -15.93 -33.92
N THR B 163 13.29 -14.96 -33.12
CA THR B 163 14.02 -15.26 -31.90
C THR B 163 13.10 -15.02 -30.68
N PRO B 170 2.47 -21.04 -29.81
CA PRO B 170 2.71 -22.30 -30.53
C PRO B 170 4.19 -22.68 -30.47
N ASP B 171 4.51 -23.64 -29.62
CA ASP B 171 5.88 -24.06 -29.54
C ASP B 171 6.13 -25.21 -30.52
N VAL B 172 6.23 -24.87 -31.80
CA VAL B 172 6.10 -25.85 -32.86
C VAL B 172 7.33 -26.72 -32.85
N GLY B 173 8.42 -26.19 -32.31
CA GLY B 173 9.69 -26.90 -32.25
C GLY B 173 9.60 -28.09 -31.33
N GLU B 174 8.72 -28.00 -30.33
CA GLU B 174 8.55 -29.05 -29.35
C GLU B 174 7.38 -29.90 -29.74
N LEU B 175 6.39 -29.29 -30.35
CA LEU B 175 5.31 -30.08 -30.90
C LEU B 175 5.93 -31.15 -31.78
N ILE B 176 6.96 -30.76 -32.54
CA ILE B 176 7.66 -31.68 -33.40
C ILE B 176 8.37 -32.71 -32.56
N ARG B 177 9.32 -32.30 -31.75
CA ARG B 177 10.12 -33.24 -30.98
C ARG B 177 9.47 -34.07 -29.89
N ARG B 178 8.48 -33.51 -29.22
CA ARG B 178 7.85 -34.23 -28.11
C ARG B 178 6.84 -35.22 -28.66
N GLU B 179 6.14 -34.82 -29.71
CA GLU B 179 4.94 -35.53 -30.16
C GLU B 179 5.03 -36.10 -31.57
N ILE B 180 5.57 -35.35 -32.52
CA ILE B 180 5.45 -35.77 -33.92
C ILE B 180 6.59 -36.67 -34.34
N TRP B 181 7.79 -36.13 -34.29
CA TRP B 181 8.99 -36.80 -34.78
C TRP B 181 9.03 -38.31 -34.58
N HIS B 182 8.93 -38.76 -33.33
CA HIS B 182 9.19 -40.18 -33.01
C HIS B 182 8.34 -41.12 -33.88
N ASN B 183 7.14 -40.68 -34.26
CA ASN B 183 6.34 -41.41 -35.23
C ASN B 183 5.40 -40.50 -35.98
N PRO B 184 5.89 -39.90 -37.08
CA PRO B 184 5.13 -38.90 -37.82
C PRO B 184 3.96 -39.47 -38.61
N LEU B 185 4.05 -40.74 -39.00
CA LEU B 185 3.03 -41.38 -39.81
C LEU B 185 1.69 -41.45 -39.07
N SER B 186 1.77 -41.54 -37.74
CA SER B 186 0.61 -41.35 -36.87
C SER B 186 -0.22 -40.17 -37.35
N TYR B 187 0.43 -39.04 -37.55
CA TYR B 187 -0.27 -37.82 -37.92
C TYR B 187 -0.64 -37.78 -39.40
N TYR B 188 0.11 -38.46 -40.25
CA TYR B 188 -0.22 -38.47 -41.66
C TYR B 188 -1.56 -39.18 -41.90
N LEU B 189 -1.78 -40.27 -41.18
CA LEU B 189 -2.99 -41.09 -41.31
C LEU B 189 -4.18 -40.54 -40.50
N PHE C 1 24.59 43.86 23.71
CA PHE C 1 23.91 43.48 22.45
C PHE C 1 24.07 42.01 22.20
N MET C 2 25.30 41.53 22.40
CA MET C 2 25.62 40.13 22.33
C MET C 2 24.93 39.38 23.43
N GLN C 3 24.95 39.92 24.64
CA GLN C 3 24.25 39.21 25.70
C GLN C 3 22.74 39.35 25.54
N ASP C 4 22.27 40.49 25.05
CA ASP C 4 20.88 40.61 24.70
C ASP C 4 20.52 39.51 23.68
N PHE C 5 21.47 39.15 22.85
CA PHE C 5 21.18 38.12 21.86
C PHE C 5 21.25 36.77 22.51
N GLU C 6 22.25 36.55 23.32
CA GLU C 6 22.32 35.29 24.05
C GLU C 6 21.08 35.06 24.92
N ASP C 7 20.62 36.10 25.58
CA ASP C 7 19.47 36.03 26.46
C ASP C 7 18.19 35.65 25.70
N ILE C 8 18.02 36.17 24.49
CA ILE C 8 16.83 35.86 23.75
C ILE C 8 16.94 34.45 23.19
N GLN C 9 18.16 33.96 23.01
CA GLN C 9 18.29 32.62 22.51
C GLN C 9 18.01 31.61 23.60
N LYS C 10 18.36 31.95 24.85
CA LYS C 10 17.98 31.18 26.02
C LYS C 10 16.46 31.15 26.19
N ASP C 11 15.80 32.27 25.97
CA ASP C 11 14.36 32.27 26.09
C ASP C 11 13.76 31.37 25.02
N ILE C 12 14.37 31.35 23.85
CA ILE C 12 13.86 30.55 22.74
C ILE C 12 14.06 29.07 22.99
N GLU C 13 15.26 28.70 23.45
CA GLU C 13 15.54 27.34 23.91
C GLU C 13 14.63 26.93 25.08
N GLN C 14 14.44 27.83 26.04
CA GLN C 14 13.61 27.59 27.20
C GLN C 14 12.23 27.09 26.77
N LEU C 15 11.70 27.69 25.73
CA LEU C 15 10.47 27.21 25.14
C LEU C 15 10.68 25.87 24.41
N ASP C 16 11.85 25.63 23.84
CA ASP C 16 12.08 24.33 23.20
C ASP C 16 12.01 23.21 24.22
N ILE C 17 12.61 23.45 25.37
CA ILE C 17 12.68 22.45 26.43
C ILE C 17 11.31 22.15 27.04
N LYS C 18 10.56 23.21 27.37
CA LYS C 18 9.18 23.05 27.82
C LYS C 18 8.37 22.23 26.84
N CYS C 19 8.53 22.54 25.56
CA CYS C 19 7.77 21.89 24.51
C CYS C 19 8.13 20.41 24.48
N ALA C 20 9.43 20.14 24.53
CA ALA C 20 9.93 18.78 24.48
C ALA C 20 9.37 17.97 25.63
N HIS C 21 9.33 18.59 26.80
CA HIS C 21 8.97 17.90 28.03
C HIS C 21 7.51 17.53 28.04
N GLU C 22 6.64 18.46 27.67
CA GLU C 22 5.22 18.16 27.63
C GLU C 22 4.97 17.06 26.60
N GLN C 23 5.73 17.08 25.50
CA GLN C 23 5.62 16.12 24.39
C GLN C 23 6.08 14.76 24.80
N MET C 24 7.14 14.74 25.59
CA MET C 24 7.69 13.50 26.10
C MET C 24 6.75 12.85 27.11
N ASN C 25 6.14 13.65 27.97
CA ASN C 25 5.24 13.12 28.96
C ASN C 25 4.01 12.55 28.29
N ILE C 26 3.74 12.98 27.08
CA ILE C 26 2.67 12.39 26.30
C ILE C 26 3.18 11.09 25.64
N GLN C 27 4.42 11.08 25.15
CA GLN C 27 5.01 9.82 24.71
C GLN C 27 4.81 8.76 25.77
N LYS C 28 5.12 9.08 27.03
CA LYS C 28 5.05 8.03 28.05
C LYS C 28 3.63 7.62 28.39
N GLN C 29 2.70 8.57 28.41
CA GLN C 29 1.33 8.21 28.64
C GLN C 29 0.94 7.10 27.67
N TYR C 30 1.20 7.36 26.39
CA TYR C 30 0.84 6.41 25.35
C TYR C 30 1.76 5.20 25.32
N ASP C 31 3.01 5.34 25.73
CA ASP C 31 3.90 4.17 25.76
C ASP C 31 3.35 3.12 26.71
N GLU C 32 3.29 3.50 27.98
CA GLU C 32 2.70 2.69 29.02
C GLU C 32 1.30 2.14 28.68
N LYS C 33 0.57 2.80 27.77
CA LYS C 33 -0.70 2.24 27.28
C LYS C 33 -0.49 1.31 26.07
N LYS C 34 0.69 1.39 25.48
CA LYS C 34 1.03 0.53 24.36
C LYS C 34 1.68 -0.70 24.91
N LYS C 35 2.26 -0.55 26.09
CA LYS C 35 3.04 -1.60 26.71
C LYS C 35 2.33 -2.96 26.74
N PRO C 36 1.17 -3.05 27.41
CA PRO C 36 0.58 -4.40 27.44
C PRO C 36 0.32 -4.95 26.04
N LEU C 37 -0.21 -4.11 25.15
CA LEU C 37 -0.39 -4.48 23.75
C LEU C 37 0.84 -5.08 23.06
N PHE C 38 2.02 -4.51 23.32
CA PHE C 38 3.25 -5.04 22.76
C PHE C 38 3.55 -6.43 23.29
N GLU C 39 3.06 -6.76 24.48
CA GLU C 39 3.29 -8.12 24.99
C GLU C 39 2.34 -9.12 24.34
N LYS C 40 1.08 -8.75 24.20
CA LYS C 40 0.18 -9.59 23.46
C LYS C 40 0.80 -9.89 22.09
N ARG C 41 1.43 -8.91 21.49
CA ARG C 41 2.09 -9.20 20.22
C ARG C 41 3.22 -10.11 20.56
N ASP C 42 4.17 -9.57 21.27
CA ASP C 42 5.31 -10.45 21.54
C ASP C 42 4.90 -11.89 21.81
N GLU C 43 3.66 -12.08 22.22
CA GLU C 43 3.16 -13.39 22.63
C GLU C 43 2.78 -14.17 21.40
N ILE C 44 2.13 -13.52 20.47
CA ILE C 44 1.76 -14.21 19.27
C ILE C 44 3.07 -14.50 18.47
N ILE C 45 4.06 -13.61 18.55
CA ILE C 45 5.35 -13.82 17.87
C ILE C 45 6.05 -15.05 18.44
N GLN C 46 5.85 -15.30 19.73
CA GLN C 46 6.41 -16.48 20.40
C GLN C 46 5.88 -17.84 19.89
N LYS C 47 4.75 -17.83 19.17
CA LYS C 47 4.16 -19.06 18.65
C LYS C 47 4.20 -19.10 17.10
N ILE C 48 5.09 -18.30 16.48
CA ILE C 48 5.25 -18.28 15.02
C ILE C 48 6.70 -18.58 14.66
N PRO C 49 7.01 -19.86 14.43
CA PRO C 49 8.38 -20.28 14.19
C PRO C 49 9.10 -19.48 13.09
N GLY C 50 10.24 -18.91 13.49
CA GLY C 50 11.04 -18.08 12.61
C GLY C 50 10.47 -16.75 12.16
N PHE C 51 9.60 -16.15 12.97
CA PHE C 51 8.90 -14.91 12.61
C PHE C 51 9.85 -13.77 12.27
N TRP C 52 10.72 -13.37 13.19
CA TRP C 52 11.50 -12.17 12.92
C TRP C 52 12.43 -12.40 11.74
N ALA C 53 12.93 -13.62 11.59
CA ALA C 53 13.78 -13.98 10.46
C ALA C 53 13.09 -13.80 9.12
N ASN C 54 11.85 -14.24 9.01
CA ASN C 54 11.15 -14.12 7.75
C ASN C 54 10.46 -12.78 7.64
N THR C 55 10.34 -12.08 8.75
CA THR C 55 9.90 -10.70 8.70
C THR C 55 11.00 -9.84 8.09
N LEU C 56 12.15 -9.83 8.73
CA LEU C 56 13.23 -8.94 8.32
C LEU C 56 13.65 -9.19 6.89
N ARG C 57 14.10 -10.40 6.60
CA ARG C 57 14.70 -10.67 5.31
C ARG C 57 13.77 -10.48 4.11
N LYS C 58 12.48 -10.20 4.32
CA LYS C 58 11.57 -9.93 3.18
C LYS C 58 11.36 -8.45 2.94
N HIS C 59 12.30 -7.65 3.43
CA HIS C 59 12.30 -6.21 3.20
C HIS C 59 13.27 -6.03 2.02
N PRO C 60 12.81 -5.40 0.94
CA PRO C 60 13.65 -5.25 -0.26
C PRO C 60 15.08 -4.86 0.08
N ALA C 61 15.23 -3.98 1.06
CA ALA C 61 16.54 -3.50 1.44
C ALA C 61 17.43 -4.59 2.02
N LEU C 62 16.84 -5.75 2.31
CA LEU C 62 17.58 -6.84 2.95
C LEU C 62 17.62 -8.11 2.10
N SER C 63 17.08 -8.03 0.88
CA SER C 63 16.95 -9.22 0.04
C SER C 63 18.28 -9.83 -0.36
N ASP C 64 19.38 -9.16 -0.03
CA ASP C 64 20.68 -9.71 -0.40
C ASP C 64 21.59 -9.81 0.83
N ILE C 65 21.00 -10.26 1.93
CA ILE C 65 21.77 -10.66 3.12
C ILE C 65 22.25 -12.09 2.96
N VAL C 66 23.43 -12.38 3.45
CA VAL C 66 23.96 -13.71 3.25
C VAL C 66 23.12 -14.67 3.99
N PRO C 67 22.92 -15.80 3.37
CA PRO C 67 22.08 -16.88 3.91
C PRO C 67 22.43 -17.22 5.36
N GLU C 68 23.70 -17.19 5.68
CA GLU C 68 24.16 -17.59 6.99
C GLU C 68 23.49 -16.76 8.10
N ASP C 69 23.14 -15.51 7.80
CA ASP C 69 22.40 -14.66 8.75
C ASP C 69 21.12 -15.33 9.18
N ILE C 70 20.55 -16.12 8.28
CA ILE C 70 19.23 -16.67 8.50
C ILE C 70 19.30 -17.81 9.52
N ASP C 71 20.44 -18.47 9.61
CA ASP C 71 20.60 -19.53 10.62
C ASP C 71 20.47 -18.90 11.97
N ILE C 72 21.03 -17.70 12.11
CA ILE C 72 21.09 -17.04 13.38
C ILE C 72 19.81 -16.24 13.61
N LEU C 73 19.32 -15.61 12.57
CA LEU C 73 18.05 -14.91 12.70
C LEU C 73 16.92 -15.88 12.99
N ASN C 74 17.12 -17.16 12.70
CA ASN C 74 16.06 -18.12 12.93
C ASN C 74 15.92 -18.38 14.41
N HIS C 75 16.84 -17.83 15.19
CA HIS C 75 16.75 -17.95 16.63
C HIS C 75 16.53 -16.60 17.31
N LEU C 76 15.92 -15.67 16.61
CA LEU C 76 15.64 -14.35 17.16
C LEU C 76 14.28 -14.37 17.81
N VAL C 77 14.28 -14.57 19.14
CA VAL C 77 13.06 -14.77 19.92
C VAL C 77 12.24 -13.48 20.10
N LYS C 78 12.87 -12.45 20.65
CA LYS C 78 12.22 -11.17 20.89
C LYS C 78 12.99 -10.00 20.27
N LEU C 79 12.27 -9.11 19.59
CA LEU C 79 12.86 -7.86 19.14
C LEU C 79 12.15 -6.68 19.83
N ASP C 80 12.90 -5.87 20.58
CA ASP C 80 12.30 -4.71 21.22
C ASP C 80 12.93 -3.42 20.75
N LEU C 81 12.08 -2.47 20.39
CA LEU C 81 12.52 -1.16 19.97
C LEU C 81 12.03 -0.12 20.96
N LYS C 82 12.94 0.51 21.69
CA LYS C 82 12.55 1.71 22.43
C LYS C 82 12.84 2.93 21.56
N ASP C 83 11.83 3.33 20.79
CA ASP C 83 11.90 4.50 19.89
C ASP C 83 11.61 5.82 20.56
N ASN C 84 12.17 6.89 20.04
CA ASN C 84 11.92 8.25 20.54
C ASN C 84 12.16 8.38 22.04
N MET C 85 13.24 7.78 22.52
CA MET C 85 13.56 7.74 23.94
C MET C 85 13.72 9.06 24.70
N ASP C 86 14.57 9.94 24.19
CA ASP C 86 14.85 11.18 24.89
C ASP C 86 15.20 12.28 23.92
N ASN C 87 15.82 11.90 22.83
CA ASN C 87 16.26 12.84 21.84
C ASN C 87 15.22 13.23 20.85
N ASN C 88 15.67 13.95 19.83
CA ASN C 88 14.82 14.32 18.75
C ASN C 88 14.89 13.15 17.78
N GLY C 89 14.41 11.98 18.18
CA GLY C 89 14.40 10.80 17.32
C GLY C 89 15.37 9.69 17.68
N SER C 90 15.58 9.41 18.97
CA SER C 90 16.53 8.37 19.38
C SER C 90 15.76 7.10 19.42
N TYR C 91 16.51 6.02 19.60
CA TYR C 91 15.98 4.69 19.72
C TYR C 91 17.09 3.73 20.17
N LYS C 92 16.65 2.63 20.79
CA LYS C 92 17.55 1.58 21.24
C LYS C 92 16.93 0.29 20.78
N ILE C 93 17.57 -0.40 19.84
CA ILE C 93 16.98 -1.62 19.32
C ILE C 93 17.69 -2.74 20.00
N THR C 94 16.91 -3.65 20.59
CA THR C 94 17.45 -4.82 21.29
C THR C 94 17.02 -6.13 20.65
N PHE C 95 17.99 -6.90 20.16
CA PHE C 95 17.74 -8.25 19.67
C PHE C 95 18.01 -9.24 20.76
N ILE C 96 17.06 -10.13 21.00
CA ILE C 96 17.25 -11.18 21.99
C ILE C 96 17.21 -12.53 21.27
N PHE C 97 18.21 -13.39 21.54
CA PHE C 97 18.34 -14.67 20.86
C PHE C 97 18.14 -15.86 21.79
N GLY C 98 17.60 -16.95 21.25
CA GLY C 98 17.39 -18.18 22.01
C GLY C 98 18.70 -18.87 22.40
N GLU C 99 18.62 -19.75 23.40
CA GLU C 99 19.79 -20.47 23.86
C GLU C 99 20.47 -21.22 22.71
N LYS C 100 19.70 -21.59 21.70
CA LYS C 100 20.24 -22.32 20.56
C LYS C 100 21.30 -21.51 19.79
N ALA C 101 21.13 -20.19 19.75
CA ALA C 101 22.13 -19.32 19.13
C ALA C 101 23.49 -19.30 19.83
N LYS C 102 23.68 -20.11 20.87
CA LYS C 102 25.03 -20.22 21.45
C LYS C 102 25.96 -20.99 20.53
N GLU C 103 25.41 -21.55 19.45
CA GLU C 103 26.20 -22.26 18.46
C GLU C 103 27.06 -21.30 17.63
N PHE C 104 26.65 -20.03 17.58
CA PHE C 104 27.30 -19.07 16.69
C PHE C 104 27.94 -17.92 17.45
N MET C 105 27.32 -17.50 18.51
CA MET C 105 27.87 -16.35 19.17
C MET C 105 27.63 -16.19 20.62
N GLU C 106 28.18 -15.10 21.11
CA GLU C 106 28.04 -14.66 22.50
C GLU C 106 28.20 -13.13 22.51
N PRO C 107 27.34 -12.43 23.28
CA PRO C 107 26.25 -12.93 24.12
C PRO C 107 24.97 -13.22 23.34
N LEU C 108 23.89 -13.51 24.06
CA LEU C 108 22.62 -13.84 23.43
C LEU C 108 21.66 -12.67 23.29
N THR C 109 22.02 -11.51 23.83
CA THR C 109 21.22 -10.32 23.59
C THR C 109 22.14 -9.25 23.04
N LEU C 110 21.67 -8.57 21.99
CA LEU C 110 22.42 -7.54 21.30
C LEU C 110 21.74 -6.20 21.37
N VAL C 111 22.44 -5.21 21.92
CA VAL C 111 21.90 -3.86 22.07
C VAL C 111 22.67 -2.89 21.21
N LYS C 112 21.93 -2.09 20.44
CA LYS C 112 22.53 -0.93 19.78
C LYS C 112 21.66 0.26 20.13
N HIS C 113 22.32 1.34 20.50
CA HIS C 113 21.66 2.55 20.91
C HIS C 113 22.25 3.71 20.16
N VAL C 114 21.43 4.44 19.46
CA VAL C 114 21.93 5.56 18.65
C VAL C 114 21.29 6.88 19.05
N THR C 115 22.05 7.84 19.56
CA THR C 115 21.40 9.07 19.95
C THR C 115 21.73 10.24 19.08
N PHE C 116 20.71 10.89 18.58
CA PHE C 116 20.93 12.06 17.78
C PHE C 116 21.13 13.27 18.66
N ASP C 117 22.23 13.98 18.42
CA ASP C 117 22.55 15.16 19.18
C ASP C 117 22.59 16.33 18.26
N ASN C 118 21.88 17.36 18.67
CA ASN C 118 21.77 18.60 17.95
C ASN C 118 21.26 18.40 16.54
N ASN C 119 21.87 19.10 15.59
CA ASN C 119 21.41 19.07 14.22
C ASN C 119 21.41 17.75 13.45
N GLN C 120 22.52 17.02 13.50
CA GLN C 120 22.57 15.77 12.77
C GLN C 120 23.59 14.78 13.26
N GLU C 121 24.29 15.10 14.33
CA GLU C 121 25.36 14.20 14.73
C GLU C 121 24.88 13.04 15.55
N LYS C 122 24.89 11.89 14.90
CA LYS C 122 24.54 10.65 15.56
C LYS C 122 25.71 10.13 16.38
N VAL C 123 25.42 9.22 17.28
CA VAL C 123 26.45 8.62 18.13
C VAL C 123 25.94 7.31 18.77
N VAL C 124 26.82 6.31 18.88
CA VAL C 124 26.40 4.94 19.10
C VAL C 124 26.94 4.28 20.38
N GLU C 125 26.09 3.47 21.02
CA GLU C 125 26.51 2.43 21.96
C GLU C 125 26.05 1.05 21.43
N CYS C 126 27.00 0.13 21.29
CA CYS C 126 26.80 -1.07 20.49
C CYS C 126 27.43 -2.37 21.03
N THR C 127 26.66 -3.46 21.11
CA THR C 127 27.19 -4.67 21.73
C THR C 127 28.29 -5.35 20.88
N ARG C 128 29.24 -5.97 21.59
CA ARG C 128 30.41 -6.61 21.01
C ARG C 128 30.14 -8.08 20.91
N ILE C 129 30.04 -8.57 19.68
CA ILE C 129 29.75 -9.96 19.42
C ILE C 129 31.03 -10.78 19.35
N LYS C 130 31.05 -11.91 20.05
CA LYS C 130 32.17 -12.84 19.99
C LYS C 130 31.79 -14.14 19.20
N TRP C 131 31.83 -14.02 17.88
CA TRP C 131 31.53 -15.14 17.00
C TRP C 131 32.44 -16.34 17.33
N LYS C 132 31.91 -17.54 17.22
CA LYS C 132 32.70 -18.76 17.42
C LYS C 132 33.37 -19.12 16.11
N GLU C 133 34.38 -19.98 16.16
CA GLU C 133 35.42 -19.97 15.13
C GLU C 133 34.98 -19.95 13.64
N GLY C 134 34.01 -20.77 13.25
CA GLY C 134 33.53 -20.67 11.88
C GLY C 134 32.16 -20.03 11.71
N LYS C 135 31.59 -19.54 12.80
CA LYS C 135 30.17 -19.21 12.85
C LYS C 135 29.83 -17.81 12.35
N ASN C 136 30.86 -16.98 12.18
CA ASN C 136 30.65 -15.58 11.83
C ASN C 136 30.10 -15.39 10.43
N PRO C 137 28.82 -14.98 10.33
CA PRO C 137 28.14 -14.82 9.04
C PRO C 137 28.80 -13.74 8.16
N ILE C 138 29.80 -13.10 8.72
CA ILE C 138 30.51 -12.11 7.96
C ILE C 138 31.44 -12.82 7.00
N ALA C 139 31.47 -14.14 7.06
CA ALA C 139 32.14 -14.86 6.00
C ALA C 139 31.29 -14.68 4.74
N ALA C 140 31.67 -13.70 3.92
CA ALA C 140 30.95 -13.35 2.69
C ALA C 140 31.97 -13.18 1.55
N VAL C 141 33.00 -14.02 1.56
CA VAL C 141 34.07 -13.99 0.53
C VAL C 141 34.32 -15.41 0.00
N ILE C 152 27.03 -9.45 -8.16
CA ILE C 152 25.99 -9.36 -7.14
C ILE C 152 26.59 -9.57 -5.70
N PRO C 153 26.99 -8.47 -5.06
CA PRO C 153 27.58 -8.67 -3.74
C PRO C 153 26.51 -8.91 -2.69
N LYS C 154 26.94 -9.32 -1.50
CA LYS C 154 26.03 -9.63 -0.43
C LYS C 154 26.57 -9.02 0.83
N TRP C 155 25.84 -9.16 1.94
CA TRP C 155 26.32 -8.65 3.21
C TRP C 155 25.63 -9.37 4.37
N SER C 156 26.03 -9.08 5.60
CA SER C 156 25.42 -9.67 6.78
C SER C 156 24.67 -8.65 7.60
N ILE C 157 23.54 -9.03 8.17
CA ILE C 157 22.74 -8.14 9.01
C ILE C 157 23.52 -7.69 10.25
N PHE C 158 24.48 -8.50 10.69
CA PHE C 158 25.15 -8.23 11.94
C PHE C 158 26.28 -7.23 11.77
N GLU C 159 26.50 -6.79 10.55
CA GLU C 159 27.49 -5.76 10.27
C GLU C 159 27.01 -4.44 10.85
N TRP C 160 25.69 -4.35 11.01
CA TRP C 160 25.06 -3.16 11.55
C TRP C 160 25.29 -3.06 13.05
N PHE C 161 25.92 -4.06 13.67
CA PHE C 161 26.29 -4.02 15.10
C PHE C 161 27.73 -3.63 15.35
N THR C 162 27.90 -2.33 15.58
CA THR C 162 29.18 -1.65 15.48
C THR C 162 29.00 -0.15 15.74
N THR C 163 30.10 0.55 15.87
CA THR C 163 30.03 1.96 16.13
C THR C 163 30.19 2.78 14.89
N ASP C 164 29.06 3.25 14.37
CA ASP C 164 28.94 4.12 13.20
C ASP C 164 29.83 3.93 11.96
N GLU C 165 30.36 2.75 11.77
CA GLU C 165 31.17 2.46 10.62
C GLU C 165 30.37 2.49 9.31
N LEU C 166 29.10 2.08 9.37
CA LEU C 166 28.31 1.96 8.16
C LEU C 166 28.22 3.23 7.35
N GLN C 167 28.39 3.05 6.05
CA GLN C 167 28.30 4.13 5.09
C GLN C 167 27.78 3.63 3.75
N ASP C 168 28.04 2.36 3.47
CA ASP C 168 27.60 1.73 2.25
C ASP C 168 26.37 0.91 2.50
N LYS C 169 26.34 0.30 3.67
CA LYS C 169 25.26 -0.57 4.07
C LYS C 169 23.96 0.10 4.41
N PRO C 170 22.86 -0.52 4.04
CA PRO C 170 21.55 -0.02 4.46
C PRO C 170 21.41 0.14 5.98
N ASP C 171 20.67 1.16 6.41
CA ASP C 171 20.50 1.44 7.82
C ASP C 171 19.43 0.51 8.43
N VAL C 172 19.86 -0.57 9.06
CA VAL C 172 18.93 -1.56 9.59
C VAL C 172 18.06 -0.92 10.65
N GLY C 173 18.69 -0.11 11.50
CA GLY C 173 17.99 0.59 12.56
C GLY C 173 16.81 1.40 12.08
N GLU C 174 16.98 2.10 10.98
CA GLU C 174 15.90 2.92 10.46
C GLU C 174 14.81 2.05 9.82
N LEU C 175 15.21 1.02 9.09
CA LEU C 175 14.27 0.14 8.41
C LEU C 175 13.37 -0.49 9.44
N ILE C 176 13.97 -0.96 10.51
CA ILE C 176 13.16 -1.46 11.59
C ILE C 176 12.23 -0.44 12.24
N ARG C 177 12.78 0.58 12.88
CA ARG C 177 12.02 1.61 13.61
C ARG C 177 10.94 2.31 12.75
N ARG C 178 11.23 2.56 11.49
CA ARG C 178 10.29 3.26 10.62
C ARG C 178 9.27 2.34 9.94
N GLU C 179 9.75 1.43 9.09
CA GLU C 179 8.87 0.63 8.24
C GLU C 179 8.35 -0.63 8.93
N ILE C 180 9.28 -1.40 9.50
CA ILE C 180 8.94 -2.57 10.29
C ILE C 180 8.49 -2.02 11.65
N TRP C 181 7.94 -2.87 12.51
CA TRP C 181 7.44 -2.51 13.83
C TRP C 181 6.09 -1.82 13.69
N HIS C 182 5.94 -0.96 12.70
CA HIS C 182 4.63 -0.38 12.42
C HIS C 182 3.81 -1.35 11.61
N ASN C 183 4.48 -2.33 11.03
CA ASN C 183 3.84 -3.29 10.16
C ASN C 183 4.53 -4.62 10.12
N PRO C 184 4.86 -5.19 11.30
CA PRO C 184 5.65 -6.43 11.33
C PRO C 184 5.01 -7.52 10.47
N LEU C 185 3.68 -7.55 10.46
CA LEU C 185 2.94 -8.61 9.82
C LEU C 185 2.92 -8.44 8.30
N SER C 186 2.95 -7.19 7.86
CA SER C 186 3.00 -6.89 6.43
C SER C 186 4.19 -7.53 5.75
N TYR C 187 5.31 -7.56 6.45
CA TYR C 187 6.50 -8.11 5.88
C TYR C 187 6.52 -9.62 6.08
N TYR C 188 5.86 -10.10 7.12
CA TYR C 188 5.77 -11.53 7.29
C TYR C 188 4.96 -12.08 6.11
N LEU C 189 3.78 -11.51 5.86
CA LEU C 189 2.85 -12.07 4.85
C LEU C 189 3.24 -11.92 3.36
N PHE D 1 -4.60 -17.13 15.28
CA PHE D 1 -3.40 -16.51 15.84
C PHE D 1 -2.66 -15.65 14.84
N MET D 2 -3.22 -15.47 13.67
CA MET D 2 -2.63 -14.59 12.67
C MET D 2 -3.44 -13.31 12.63
N GLN D 3 -4.76 -13.44 12.83
CA GLN D 3 -5.69 -12.32 12.91
C GLN D 3 -5.52 -11.57 14.21
N ASP D 4 -5.00 -12.23 15.23
CA ASP D 4 -4.76 -11.59 16.49
C ASP D 4 -3.76 -10.46 16.24
N PHE D 5 -2.70 -10.72 15.47
CA PHE D 5 -1.71 -9.74 15.16
C PHE D 5 -2.35 -8.57 14.44
N GLU D 6 -3.23 -8.83 13.49
CA GLU D 6 -3.85 -7.74 12.77
C GLU D 6 -4.65 -6.83 13.67
N ASP D 7 -5.16 -7.35 14.77
CA ASP D 7 -6.03 -6.57 15.66
C ASP D 7 -5.19 -5.75 16.61
N ILE D 8 -4.29 -6.43 17.31
CA ILE D 8 -3.29 -5.80 18.14
C ILE D 8 -2.47 -4.74 17.41
N GLN D 9 -2.06 -5.03 16.19
CA GLN D 9 -1.19 -4.07 15.51
C GLN D 9 -2.00 -2.82 15.19
N LYS D 10 -3.26 -3.03 14.83
CA LYS D 10 -4.11 -1.92 14.45
C LYS D 10 -4.47 -1.08 15.68
N ASP D 11 -4.62 -1.75 16.82
CA ASP D 11 -4.75 -1.12 18.13
C ASP D 11 -3.65 -0.10 18.26
N ILE D 12 -2.42 -0.61 18.18
CA ILE D 12 -1.20 0.15 18.38
C ILE D 12 -1.11 1.34 17.44
N GLU D 13 -1.23 1.10 16.14
CA GLU D 13 -1.08 2.18 15.18
C GLU D 13 -2.04 3.35 15.46
N GLN D 14 -3.26 3.02 15.87
CA GLN D 14 -4.22 3.98 16.48
C GLN D 14 -3.73 4.77 17.68
N LEU D 15 -2.91 4.14 18.50
CA LEU D 15 -2.36 4.85 19.63
C LEU D 15 -1.23 5.77 19.19
N ASP D 16 -0.51 5.39 18.14
CA ASP D 16 0.67 6.13 17.73
C ASP D 16 0.20 7.36 17.00
N ILE D 17 -0.95 7.23 16.35
CA ILE D 17 -1.52 8.37 15.65
C ILE D 17 -2.09 9.36 16.66
N LYS D 18 -2.86 8.86 17.63
CA LYS D 18 -3.37 9.71 18.71
C LYS D 18 -2.26 10.35 19.52
N CYS D 19 -1.15 9.65 19.68
CA CYS D 19 -0.01 10.21 20.39
C CYS D 19 0.56 11.34 19.57
N ALA D 20 0.67 11.10 18.27
CA ALA D 20 1.21 12.10 17.35
C ALA D 20 0.38 13.38 17.37
N HIS D 21 -0.94 13.23 17.30
CA HIS D 21 -1.85 14.37 17.30
C HIS D 21 -1.66 15.21 18.56
N GLU D 22 -1.55 14.55 19.70
CA GLU D 22 -1.37 15.24 20.98
C GLU D 22 -0.04 15.99 21.02
N GLN D 23 0.94 15.46 20.31
CA GLN D 23 2.27 16.09 20.27
C GLN D 23 2.33 17.24 19.25
N MET D 24 1.54 17.14 18.19
CA MET D 24 1.57 18.15 17.14
C MET D 24 0.99 19.45 17.66
N ASN D 25 -0.16 19.33 18.34
CA ASN D 25 -0.81 20.48 18.94
C ASN D 25 0.09 21.23 19.91
N ILE D 26 0.83 20.50 20.74
CA ILE D 26 1.74 21.17 21.63
C ILE D 26 2.74 21.97 20.79
N GLN D 27 3.38 21.30 19.82
CA GLN D 27 4.31 21.97 18.92
C GLN D 27 3.70 23.26 18.36
N LYS D 28 2.44 23.20 17.94
CA LYS D 28 1.75 24.38 17.41
C LYS D 28 1.59 25.52 18.41
N GLN D 29 1.29 25.20 19.66
CA GLN D 29 1.10 26.27 20.63
C GLN D 29 2.40 26.77 21.24
N TYR D 30 3.50 26.08 21.04
CA TYR D 30 4.78 26.63 21.48
C TYR D 30 5.43 27.42 20.36
N ASP D 31 5.19 27.00 19.13
CA ASP D 31 5.59 27.79 17.97
C ASP D 31 5.00 29.19 18.03
N GLU D 32 3.84 29.30 18.64
CA GLU D 32 3.17 30.57 18.78
C GLU D 32 3.79 31.41 19.88
N LYS D 33 4.16 30.80 21.00
CA LYS D 33 4.81 31.57 22.05
C LYS D 33 6.17 32.11 21.57
N LYS D 34 6.72 31.49 20.55
CA LYS D 34 8.02 31.89 20.05
C LYS D 34 7.91 33.17 19.26
N LYS D 35 6.76 33.40 18.61
CA LYS D 35 6.62 34.57 17.76
C LYS D 35 7.09 35.88 18.43
N PRO D 36 6.54 36.24 19.61
CA PRO D 36 7.09 37.46 20.20
C PRO D 36 8.59 37.42 20.53
N LEU D 37 9.23 36.25 20.48
CA LEU D 37 10.64 36.18 20.83
C LEU D 37 11.53 36.40 19.61
N PHE D 38 11.02 36.12 18.42
CA PHE D 38 11.79 36.39 17.21
C PHE D 38 11.79 37.88 16.97
N GLU D 39 10.67 38.54 17.27
CA GLU D 39 10.58 39.98 17.10
C GLU D 39 11.64 40.73 17.91
N LYS D 40 11.74 40.45 19.20
CA LYS D 40 12.79 41.08 19.99
C LYS D 40 14.14 40.82 19.35
N ARG D 41 14.35 39.59 18.87
CA ARG D 41 15.59 39.19 18.26
C ARG D 41 15.92 40.03 17.03
N ASP D 42 14.89 40.50 16.35
CA ASP D 42 15.08 41.42 15.23
C ASP D 42 15.58 42.76 15.71
N GLU D 43 15.06 43.24 16.84
CA GLU D 43 15.45 44.54 17.33
C GLU D 43 16.90 44.54 17.78
N ILE D 44 17.40 43.39 18.18
CA ILE D 44 18.78 43.27 18.62
C ILE D 44 19.72 43.15 17.43
N ILE D 45 19.22 42.55 16.35
CA ILE D 45 20.00 42.41 15.13
C ILE D 45 20.21 43.79 14.49
N GLN D 46 19.19 44.62 14.50
CA GLN D 46 19.28 46.00 14.00
C GLN D 46 20.40 46.82 14.64
N LYS D 47 20.83 46.41 15.83
CA LYS D 47 21.87 47.12 16.54
C LYS D 47 23.27 46.52 16.37
N ILE D 48 23.35 45.41 15.64
CA ILE D 48 24.62 44.74 15.35
C ILE D 48 24.99 44.97 13.90
N PRO D 49 26.02 45.79 13.67
CA PRO D 49 26.42 46.15 12.31
C PRO D 49 26.84 44.96 11.46
N GLY D 50 26.07 44.66 10.40
CA GLY D 50 26.39 43.60 9.47
C GLY D 50 26.09 42.22 9.99
N PHE D 51 25.05 42.07 10.79
CA PHE D 51 24.83 40.77 11.42
C PHE D 51 24.54 39.68 10.40
N TRP D 52 23.56 39.88 9.54
CA TRP D 52 23.16 38.84 8.60
C TRP D 52 24.20 38.55 7.52
N ALA D 53 24.87 39.58 7.04
CA ALA D 53 25.96 39.41 6.09
C ALA D 53 27.04 38.50 6.65
N ASN D 54 27.38 38.65 7.92
CA ASN D 54 28.39 37.82 8.54
C ASN D 54 27.84 36.56 9.20
N THR D 55 26.53 36.41 9.17
CA THR D 55 25.90 35.24 9.75
C THR D 55 25.75 34.20 8.66
N LEU D 56 25.29 34.67 7.49
CA LEU D 56 25.01 33.82 6.32
C LEU D 56 26.26 33.25 5.64
N ARG D 57 27.24 34.08 5.35
CA ARG D 57 28.42 33.56 4.65
C ARG D 57 29.37 32.80 5.56
N LYS D 58 28.93 32.44 6.76
CA LYS D 58 29.71 31.57 7.61
C LYS D 58 29.07 30.20 7.68
N HIS D 59 28.08 29.97 6.82
CA HIS D 59 27.49 28.65 6.69
C HIS D 59 28.29 27.92 5.63
N PRO D 60 28.73 26.69 5.93
CA PRO D 60 29.46 25.88 4.96
C PRO D 60 28.83 25.85 3.58
N ALA D 61 27.50 25.91 3.50
CA ALA D 61 26.86 25.80 2.19
C ALA D 61 26.92 27.12 1.42
N LEU D 62 27.21 28.22 2.12
CA LEU D 62 27.37 29.51 1.44
C LEU D 62 28.82 29.92 1.38
N SER D 63 29.69 28.90 1.45
CA SER D 63 31.16 29.02 1.51
C SER D 63 31.74 29.89 0.41
N ASP D 64 31.29 29.68 -0.82
CA ASP D 64 31.86 30.36 -1.93
C ASP D 64 30.80 31.11 -2.74
N ILE D 65 30.29 32.20 -2.15
CA ILE D 65 29.43 33.12 -2.89
C ILE D 65 30.19 34.35 -3.31
N VAL D 66 29.75 34.85 -4.45
CA VAL D 66 30.15 36.10 -5.06
C VAL D 66 30.39 37.27 -4.06
N PRO D 67 31.49 38.00 -4.25
CA PRO D 67 31.75 39.10 -3.32
C PRO D 67 30.78 40.28 -3.52
N GLU D 68 30.07 40.27 -4.63
CA GLU D 68 29.06 41.29 -4.89
C GLU D 68 27.81 40.98 -4.05
N ASP D 69 27.78 39.80 -3.45
CA ASP D 69 26.69 39.43 -2.55
C ASP D 69 26.80 40.15 -1.22
N ILE D 70 28.03 40.12 -0.69
CA ILE D 70 28.38 40.77 0.54
C ILE D 70 28.20 42.25 0.31
N ASP D 71 28.50 42.73 -0.89
CA ASP D 71 28.06 44.07 -1.18
C ASP D 71 26.61 44.42 -0.79
N ILE D 72 25.73 43.44 -0.92
CA ILE D 72 24.32 43.70 -0.83
C ILE D 72 23.78 43.26 0.51
N LEU D 73 24.21 42.09 0.99
CA LEU D 73 23.79 41.59 2.31
C LEU D 73 24.13 42.61 3.40
N ASN D 74 25.24 43.31 3.19
CA ASN D 74 25.68 44.30 4.14
C ASN D 74 24.61 45.35 4.44
N HIS D 75 23.52 45.37 3.68
CA HIS D 75 22.46 46.30 3.92
C HIS D 75 21.15 45.60 4.23
N LEU D 76 21.21 44.32 4.54
CA LEU D 76 20.04 43.58 4.96
C LEU D 76 19.73 43.99 6.39
N VAL D 77 18.58 44.61 6.58
CA VAL D 77 18.13 45.10 7.87
C VAL D 77 17.31 44.03 8.58
N LYS D 78 16.50 43.31 7.84
CA LYS D 78 15.57 42.38 8.45
C LYS D 78 15.40 41.13 7.60
N LEU D 79 15.80 39.99 8.15
CA LEU D 79 15.56 38.70 7.54
C LEU D 79 14.54 37.95 8.36
N ASP D 80 13.29 37.87 7.90
CA ASP D 80 12.18 37.28 8.66
C ASP D 80 11.61 36.01 8.09
N LEU D 81 11.86 34.87 8.74
CA LEU D 81 11.14 33.64 8.37
C LEU D 81 9.76 33.50 9.04
N LYS D 82 8.71 33.43 8.23
CA LYS D 82 7.40 32.96 8.73
C LYS D 82 7.19 31.51 8.31
N ASP D 83 7.60 30.60 9.19
CA ASP D 83 7.61 29.18 8.89
C ASP D 83 6.26 28.55 9.20
N ASN D 84 6.04 27.39 8.60
CA ASN D 84 4.94 26.50 8.92
C ASN D 84 3.57 27.14 8.97
N MET D 85 3.28 28.00 7.99
CA MET D 85 2.00 28.71 7.92
C MET D 85 0.80 27.80 7.59
N ASP D 86 1.08 26.58 7.13
CA ASP D 86 0.05 25.55 6.99
C ASP D 86 0.63 24.17 7.24
N ASN D 87 -0.25 23.18 7.35
CA ASN D 87 0.15 21.85 7.80
C ASN D 87 1.06 21.06 6.85
N ASN D 88 1.50 21.71 5.77
CA ASN D 88 2.38 21.05 4.82
C ASN D 88 3.80 21.64 4.84
N GLY D 89 3.95 22.70 5.62
CA GLY D 89 5.26 23.32 5.79
C GLY D 89 5.51 24.39 4.75
N SER D 90 4.45 25.11 4.43
CA SER D 90 4.58 26.24 3.52
C SER D 90 5.13 27.39 4.34
N TYR D 91 6.14 28.06 3.78
CA TYR D 91 6.83 29.11 4.52
C TYR D 91 7.15 30.33 3.66
N LYS D 92 7.25 31.48 4.30
CA LYS D 92 7.53 32.76 3.63
C LYS D 92 8.80 33.39 4.19
N ILE D 93 9.78 33.74 3.37
CA ILE D 93 10.90 34.50 3.90
C ILE D 93 10.91 35.90 3.29
N THR D 94 11.05 36.89 4.16
CA THR D 94 11.06 38.29 3.78
C THR D 94 12.40 38.96 4.06
N PHE D 95 12.95 39.67 3.08
CA PHE D 95 14.20 40.41 3.29
C PHE D 95 13.91 41.91 3.18
N ILE D 96 14.31 42.67 4.20
CA ILE D 96 14.12 44.11 4.18
C ILE D 96 15.49 44.76 4.19
N PHE D 97 15.89 45.37 3.07
CA PHE D 97 17.19 46.01 2.96
C PHE D 97 17.01 47.47 3.27
N GLY D 98 18.08 48.12 3.77
CA GLY D 98 18.03 49.53 4.06
C GLY D 98 18.05 50.38 2.81
N GLU D 99 17.87 51.69 2.97
CA GLU D 99 17.75 52.63 1.85
C GLU D 99 19.00 52.71 0.98
N LYS D 100 20.17 52.40 1.55
CA LYS D 100 21.41 52.53 0.77
C LYS D 100 21.47 51.45 -0.32
N ALA D 101 20.62 50.44 -0.22
CA ALA D 101 20.72 49.31 -1.12
C ALA D 101 20.14 49.65 -2.48
N LYS D 102 19.44 50.77 -2.58
CA LYS D 102 18.98 51.32 -3.87
C LYS D 102 20.11 51.45 -4.90
N GLU D 103 21.35 51.53 -4.41
CA GLU D 103 22.54 51.39 -5.26
C GLU D 103 22.52 50.06 -6.06
N PHE D 104 21.78 49.05 -5.59
CA PHE D 104 21.76 47.77 -6.29
C PHE D 104 20.42 47.39 -6.93
N MET D 105 19.29 47.73 -6.30
CA MET D 105 18.03 47.08 -6.68
C MET D 105 16.73 47.79 -6.29
N GLU D 106 15.64 47.46 -6.98
CA GLU D 106 14.30 47.75 -6.47
C GLU D 106 13.47 46.47 -6.56
N PRO D 107 12.57 46.25 -5.57
CA PRO D 107 12.37 47.10 -4.41
C PRO D 107 13.42 46.80 -3.35
N LEU D 108 13.21 47.24 -2.12
CA LEU D 108 14.16 46.96 -1.07
C LEU D 108 13.62 45.89 -0.16
N THR D 109 12.47 45.32 -0.54
CA THR D 109 11.86 44.19 0.16
C THR D 109 11.70 42.99 -0.75
N LEU D 110 12.45 41.94 -0.51
CA LEU D 110 12.34 40.71 -1.29
C LEU D 110 11.50 39.70 -0.51
N VAL D 111 10.46 39.16 -1.13
CA VAL D 111 9.61 38.19 -0.46
C VAL D 111 9.54 36.91 -1.25
N LYS D 112 9.93 35.78 -0.69
CA LYS D 112 9.78 34.55 -1.45
C LYS D 112 8.88 33.60 -0.69
N HIS D 113 7.62 33.50 -1.12
CA HIS D 113 6.59 32.71 -0.45
C HIS D 113 6.55 31.31 -1.06
N VAL D 114 6.98 30.31 -0.31
CA VAL D 114 6.87 28.92 -0.81
C VAL D 114 5.67 28.17 -0.22
N THR D 115 4.86 27.61 -1.10
CA THR D 115 3.63 26.92 -0.71
C THR D 115 3.55 25.51 -1.28
N PHE D 116 3.93 24.50 -0.48
CA PHE D 116 3.93 23.09 -0.95
C PHE D 116 2.51 22.52 -1.21
N VAL D 123 4.69 25.26 -5.68
CA VAL D 123 4.26 26.62 -6.04
C VAL D 123 4.98 27.74 -5.25
N VAL D 124 5.66 28.63 -5.97
CA VAL D 124 6.42 29.75 -5.39
C VAL D 124 5.95 31.15 -5.79
N GLU D 125 5.56 32.00 -4.83
CA GLU D 125 5.43 33.46 -5.09
C GLU D 125 6.78 34.12 -4.90
N CYS D 126 7.17 35.06 -5.77
CA CYS D 126 8.48 35.68 -5.61
C CYS D 126 8.57 37.14 -6.04
N THR D 127 9.15 37.97 -5.21
CA THR D 127 9.29 39.29 -5.68
C THR D 127 10.35 39.25 -6.78
N ARG D 128 10.13 40.02 -7.82
CA ARG D 128 11.07 40.09 -8.94
C ARG D 128 11.90 41.33 -8.78
N ILE D 129 13.21 41.15 -8.88
CA ILE D 129 14.13 42.21 -8.59
C ILE D 129 14.48 42.92 -9.88
N LYS D 130 14.49 44.24 -9.82
CA LYS D 130 15.02 45.06 -10.87
C LYS D 130 16.41 45.54 -10.42
N TRP D 131 17.45 45.10 -11.10
CA TRP D 131 18.79 45.52 -10.75
C TRP D 131 19.14 46.82 -11.46
N LYS D 132 19.99 47.63 -10.83
CA LYS D 132 20.55 48.82 -11.48
C LYS D 132 21.63 48.36 -12.46
N GLU D 133 22.11 49.28 -13.28
CA GLU D 133 23.13 48.98 -14.27
C GLU D 133 24.50 48.70 -13.62
N GLY D 134 24.96 47.45 -13.70
CA GLY D 134 26.30 47.11 -13.25
C GLY D 134 26.30 46.43 -11.91
N LYS D 135 25.11 46.31 -11.34
CA LYS D 135 24.96 45.92 -9.95
C LYS D 135 24.44 44.51 -9.81
N ASN D 136 24.01 43.93 -10.92
CA ASN D 136 23.46 42.58 -10.93
C ASN D 136 24.51 41.60 -10.41
N PRO D 137 24.30 41.08 -9.20
CA PRO D 137 25.30 40.18 -8.59
C PRO D 137 25.37 38.85 -9.31
N ILE D 138 24.28 38.47 -9.97
CA ILE D 138 24.21 37.20 -10.69
C ILE D 138 25.03 37.31 -11.98
N ALA D 139 25.23 38.53 -12.45
CA ALA D 139 26.00 38.79 -13.66
C ALA D 139 27.49 38.85 -13.34
N ALA D 140 27.81 38.87 -12.05
CA ALA D 140 29.20 38.92 -11.61
C ALA D 140 29.89 37.57 -11.68
N VAL D 141 29.31 36.64 -12.42
CA VAL D 141 29.98 35.40 -12.71
C VAL D 141 30.62 35.44 -14.10
N PRO D 153 31.07 28.30 -11.53
CA PRO D 153 31.92 27.99 -10.35
C PRO D 153 31.42 28.71 -9.07
N LYS D 154 31.49 30.05 -9.05
CA LYS D 154 30.92 30.81 -7.94
C LYS D 154 29.52 31.29 -8.29
N TRP D 155 28.72 31.58 -7.26
CA TRP D 155 27.33 31.90 -7.49
C TRP D 155 26.80 32.97 -6.56
N SER D 156 25.67 33.56 -6.93
CA SER D 156 25.04 34.59 -6.12
C SER D 156 23.85 34.05 -5.35
N ILE D 157 23.83 34.30 -4.05
CA ILE D 157 22.75 33.89 -3.20
C ILE D 157 21.41 34.44 -3.73
N PHE D 158 21.46 35.48 -4.56
CA PHE D 158 20.22 36.07 -5.05
C PHE D 158 19.60 35.27 -6.20
N GLU D 159 20.30 34.22 -6.65
CA GLU D 159 19.74 33.35 -7.66
C GLU D 159 18.51 32.62 -7.13
N TRP D 160 18.40 32.66 -5.81
CA TRP D 160 17.35 31.97 -5.09
C TRP D 160 16.00 32.69 -5.24
N PHE D 161 16.04 33.91 -5.74
CA PHE D 161 14.80 34.68 -5.90
C PHE D 161 14.26 34.56 -7.30
N THR D 162 13.59 33.45 -7.57
CA THR D 162 12.89 33.20 -8.84
C THR D 162 11.55 32.58 -8.49
N THR D 163 10.96 31.86 -9.42
CA THR D 163 9.73 31.15 -9.13
C THR D 163 10.00 29.68 -9.43
N ASP D 164 11.13 29.44 -10.07
CA ASP D 164 11.58 28.16 -10.44
C ASP D 164 12.16 27.44 -9.18
N GLU D 165 12.76 26.27 -9.34
CA GLU D 165 13.32 25.52 -8.22
C GLU D 165 14.84 25.65 -8.09
N LEU D 166 15.54 25.56 -9.22
CA LEU D 166 17.03 25.65 -9.21
C LEU D 166 17.74 24.64 -8.27
N GLN D 167 17.37 23.40 -8.37
CA GLN D 167 17.93 22.46 -7.43
C GLN D 167 19.43 22.32 -7.53
N ASP D 168 20.03 22.82 -8.61
CA ASP D 168 21.47 22.69 -8.72
C ASP D 168 22.15 23.38 -7.56
N LYS D 169 21.71 24.59 -7.25
CA LYS D 169 22.23 25.33 -6.12
C LYS D 169 21.58 24.87 -4.80
N PRO D 170 22.10 25.33 -3.68
CA PRO D 170 21.72 24.88 -2.35
C PRO D 170 20.29 25.04 -1.83
N ASP D 171 19.60 26.06 -2.26
CA ASP D 171 18.26 26.39 -1.71
C ASP D 171 18.28 27.11 -0.36
N VAL D 172 18.92 28.26 -0.35
CA VAL D 172 19.09 29.00 0.89
C VAL D 172 17.86 29.06 1.78
N GLY D 173 16.69 28.95 1.19
CA GLY D 173 15.47 28.93 1.98
C GLY D 173 15.36 27.76 2.95
N GLU D 174 15.91 26.61 2.60
CA GLU D 174 15.86 25.49 3.54
C GLU D 174 16.99 25.67 4.55
N LEU D 175 18.14 26.13 4.07
CA LEU D 175 19.28 26.41 4.93
C LEU D 175 18.91 27.40 6.02
N ILE D 176 18.14 28.42 5.68
CA ILE D 176 17.66 29.33 6.70
C ILE D 176 16.67 28.60 7.62
N ARG D 177 15.58 28.09 7.05
CA ARG D 177 14.56 27.39 7.80
C ARG D 177 15.03 26.27 8.77
N ARG D 178 16.10 25.56 8.44
CA ARG D 178 16.41 24.33 9.15
C ARG D 178 17.74 24.35 9.90
N GLU D 179 18.61 25.33 9.63
CA GLU D 179 19.83 25.42 10.39
C GLU D 179 20.12 26.78 10.99
N ILE D 180 19.75 27.87 10.34
CA ILE D 180 20.25 29.18 10.78
C ILE D 180 19.27 29.98 11.63
N TRP D 181 18.02 29.99 11.21
CA TRP D 181 16.98 30.77 11.85
C TRP D 181 16.83 30.51 13.34
N HIS D 182 16.85 29.24 13.74
CA HIS D 182 16.61 28.91 15.13
C HIS D 182 17.57 29.63 16.07
N ASN D 183 18.85 29.62 15.71
CA ASN D 183 19.90 30.35 16.43
C ASN D 183 20.99 30.90 15.51
N PRO D 184 20.72 32.08 14.92
CA PRO D 184 21.66 32.79 14.07
C PRO D 184 22.95 33.17 14.79
N LEU D 185 22.90 33.29 16.11
CA LEU D 185 24.06 33.75 16.86
C LEU D 185 25.22 32.76 16.77
N SER D 186 24.87 31.48 16.70
CA SER D 186 25.81 30.37 16.52
C SER D 186 26.68 30.60 15.31
N TYR D 187 26.04 31.05 14.24
CA TYR D 187 26.72 31.29 12.99
C TYR D 187 27.50 32.59 13.02
N TYR D 188 26.94 33.58 13.68
CA TYR D 188 27.68 34.82 13.87
C TYR D 188 28.96 34.62 14.71
N LEU D 189 28.87 33.89 15.83
CA LEU D 189 30.02 33.71 16.73
C LEU D 189 30.96 32.54 16.37
N PHE E 1 -18.82 33.47 38.20
CA PHE E 1 -19.85 33.18 37.19
C PHE E 1 -19.25 33.12 35.78
N MET E 2 -18.11 33.75 35.58
CA MET E 2 -17.47 33.63 34.28
C MET E 2 -16.77 32.30 34.31
N GLN E 3 -16.21 31.95 35.44
CA GLN E 3 -15.56 30.68 35.51
C GLN E 3 -16.65 29.64 35.33
N ASP E 4 -17.69 29.78 36.14
CA ASP E 4 -18.87 28.92 36.08
C ASP E 4 -19.40 28.75 34.66
N PHE E 5 -19.40 29.83 33.91
CA PHE E 5 -19.83 29.77 32.52
C PHE E 5 -18.83 28.98 31.67
N GLU E 6 -17.53 29.21 31.87
CA GLU E 6 -16.54 28.45 31.10
C GLU E 6 -16.61 26.96 31.47
N ASP E 7 -16.91 26.68 32.74
CA ASP E 7 -17.04 25.31 33.20
C ASP E 7 -18.17 24.59 32.50
N ILE E 8 -19.37 25.13 32.60
CA ILE E 8 -20.56 24.51 31.99
C ILE E 8 -20.40 24.32 30.49
N GLN E 9 -19.66 25.17 29.82
CA GLN E 9 -19.52 24.98 28.40
C GLN E 9 -18.50 23.88 28.05
N LYS E 10 -17.59 23.57 28.99
CA LYS E 10 -16.71 22.43 28.82
C LYS E 10 -17.49 21.15 29.13
N ASP E 11 -18.22 21.15 30.24
CA ASP E 11 -19.15 20.08 30.54
C ASP E 11 -20.05 19.80 29.33
N ILE E 12 -20.58 20.85 28.69
CA ILE E 12 -21.41 20.62 27.52
C ILE E 12 -20.59 19.98 26.41
N GLU E 13 -19.45 20.59 26.09
CA GLU E 13 -18.71 20.18 24.90
C GLU E 13 -18.26 18.71 25.07
N GLN E 14 -17.90 18.35 26.29
CA GLN E 14 -17.50 16.98 26.58
C GLN E 14 -18.57 15.96 26.16
N LEU E 15 -19.76 16.16 26.71
CA LEU E 15 -20.90 15.32 26.43
C LEU E 15 -21.10 15.23 24.93
N ASP E 16 -20.93 16.35 24.23
CA ASP E 16 -21.03 16.36 22.78
C ASP E 16 -19.97 15.47 22.14
N ILE E 17 -18.83 15.35 22.80
CA ILE E 17 -17.75 14.54 22.26
C ILE E 17 -18.05 13.07 22.49
N LYS E 18 -18.34 12.71 23.74
CA LYS E 18 -18.56 11.31 24.08
C LYS E 18 -19.72 10.76 23.26
N CYS E 19 -20.80 11.54 23.14
CA CYS E 19 -21.91 11.17 22.26
C CYS E 19 -21.37 10.84 20.87
N ALA E 20 -20.71 11.80 20.24
CA ALA E 20 -20.22 11.60 18.88
C ALA E 20 -19.33 10.38 18.76
N HIS E 21 -18.60 10.07 19.83
CA HIS E 21 -17.76 8.89 19.85
C HIS E 21 -18.66 7.68 19.76
N GLU E 22 -19.44 7.49 20.81
CA GLU E 22 -20.29 6.33 20.94
C GLU E 22 -21.16 6.05 19.69
N GLN E 23 -21.50 7.09 18.93
CA GLN E 23 -22.40 6.90 17.82
C GLN E 23 -21.60 6.26 16.73
N MET E 24 -20.32 6.61 16.71
CA MET E 24 -19.47 6.18 15.61
C MET E 24 -19.07 4.74 15.84
N ASN E 25 -18.97 4.33 17.11
CA ASN E 25 -18.70 2.92 17.42
C ASN E 25 -19.84 2.06 16.91
N ILE E 26 -21.06 2.53 17.12
CA ILE E 26 -22.24 1.89 16.56
C ILE E 26 -22.17 1.74 15.04
N GLN E 27 -21.72 2.78 14.35
CA GLN E 27 -21.72 2.74 12.90
C GLN E 27 -20.63 1.80 12.44
N LYS E 28 -19.54 1.77 13.20
CA LYS E 28 -18.43 0.90 12.85
C LYS E 28 -18.82 -0.54 13.06
N GLN E 29 -19.63 -0.78 14.09
CA GLN E 29 -20.18 -2.11 14.27
C GLN E 29 -20.93 -2.50 13.01
N TYR E 30 -21.99 -1.75 12.72
CA TYR E 30 -22.89 -2.12 11.65
C TYR E 30 -22.23 -2.14 10.28
N ASP E 31 -21.15 -1.39 10.11
CA ASP E 31 -20.38 -1.52 8.87
C ASP E 31 -19.78 -2.93 8.77
N GLU E 32 -19.32 -3.48 9.89
CA GLU E 32 -18.78 -4.84 9.93
C GLU E 32 -19.94 -5.80 9.71
N LYS E 33 -21.11 -5.40 10.15
CA LYS E 33 -22.25 -6.29 10.13
C LYS E 33 -22.79 -6.43 8.70
N LYS E 34 -22.48 -5.44 7.87
CA LYS E 34 -22.96 -5.40 6.49
C LYS E 34 -22.06 -6.21 5.55
N LYS E 35 -20.77 -6.31 5.88
CA LYS E 35 -19.76 -6.92 5.00
C LYS E 35 -20.17 -8.29 4.42
N PRO E 36 -20.71 -9.20 5.26
CA PRO E 36 -21.31 -10.38 4.64
C PRO E 36 -22.38 -10.07 3.57
N LEU E 37 -23.27 -9.11 3.81
CA LEU E 37 -24.33 -8.81 2.84
C LEU E 37 -23.70 -8.29 1.54
N PHE E 38 -22.58 -7.62 1.67
CA PHE E 38 -21.94 -7.03 0.50
C PHE E 38 -21.25 -8.10 -0.30
N GLU E 39 -20.70 -9.08 0.41
CA GLU E 39 -19.96 -10.14 -0.24
C GLU E 39 -20.93 -11.06 -0.96
N LYS E 40 -22.09 -11.29 -0.36
CA LYS E 40 -23.09 -12.08 -1.04
C LYS E 40 -23.58 -11.35 -2.29
N ARG E 41 -23.83 -10.04 -2.14
CA ARG E 41 -24.32 -9.22 -3.24
C ARG E 41 -23.43 -9.31 -4.47
N ASP E 42 -22.12 -9.47 -4.28
CA ASP E 42 -21.22 -9.62 -5.41
C ASP E 42 -21.44 -10.95 -6.11
N GLU E 43 -21.73 -11.98 -5.33
CA GLU E 43 -21.93 -13.32 -5.87
C GLU E 43 -23.15 -13.32 -6.79
N ILE E 44 -24.10 -12.43 -6.47
CA ILE E 44 -25.30 -12.27 -7.26
C ILE E 44 -24.90 -11.57 -8.55
N ILE E 45 -24.21 -10.44 -8.40
CA ILE E 45 -23.74 -9.57 -9.49
C ILE E 45 -22.98 -10.31 -10.57
N GLN E 46 -22.03 -11.15 -10.16
CA GLN E 46 -21.26 -11.99 -11.09
C GLN E 46 -22.17 -12.80 -12.03
N LYS E 47 -23.38 -13.12 -11.58
CA LYS E 47 -24.39 -13.80 -12.40
C LYS E 47 -25.35 -12.88 -13.19
N ILE E 48 -25.09 -11.58 -13.20
CA ILE E 48 -25.90 -10.66 -13.99
C ILE E 48 -25.02 -9.96 -15.00
N PRO E 49 -25.07 -10.42 -16.26
CA PRO E 49 -24.33 -9.92 -17.41
C PRO E 49 -24.29 -8.42 -17.59
N GLY E 50 -23.10 -7.82 -17.49
CA GLY E 50 -22.92 -6.40 -17.66
C GLY E 50 -23.61 -5.57 -16.60
N PHE E 51 -23.69 -6.11 -15.39
CA PHE E 51 -24.35 -5.42 -14.29
C PHE E 51 -23.76 -4.05 -14.04
N TRP E 52 -22.49 -4.03 -13.68
CA TRP E 52 -21.82 -2.80 -13.31
C TRP E 52 -21.80 -1.84 -14.47
N ALA E 53 -21.69 -2.36 -15.68
CA ALA E 53 -21.69 -1.51 -16.85
C ALA E 53 -23.02 -0.74 -17.03
N ASN E 54 -24.14 -1.40 -16.79
CA ASN E 54 -25.41 -0.74 -16.98
C ASN E 54 -25.88 -0.06 -15.75
N THR E 55 -25.23 -0.33 -14.65
CA THR E 55 -25.54 0.33 -13.40
C THR E 55 -24.88 1.70 -13.37
N LEU E 56 -23.58 1.74 -13.67
CA LEU E 56 -22.82 2.98 -13.58
C LEU E 56 -23.36 4.08 -14.50
N ARG E 57 -23.55 3.75 -15.77
CA ARG E 57 -23.85 4.79 -16.74
C ARG E 57 -25.34 5.18 -16.69
N LYS E 58 -26.03 4.75 -15.64
CA LYS E 58 -27.41 5.15 -15.43
C LYS E 58 -27.55 6.23 -14.37
N HIS E 59 -26.42 6.64 -13.80
CA HIS E 59 -26.41 7.80 -12.93
C HIS E 59 -26.39 9.05 -13.81
N PRO E 60 -27.20 10.06 -13.46
CA PRO E 60 -27.28 11.33 -14.20
C PRO E 60 -25.90 11.88 -14.60
N ALA E 61 -24.99 11.92 -13.64
CA ALA E 61 -23.68 12.53 -13.82
C ALA E 61 -22.76 11.76 -14.73
N LEU E 62 -22.95 10.46 -14.85
CA LEU E 62 -22.11 9.65 -15.70
C LEU E 62 -22.80 9.23 -16.97
N SER E 63 -23.95 9.81 -17.27
CA SER E 63 -24.70 9.38 -18.41
C SER E 63 -23.94 9.53 -19.69
N ASP E 64 -23.24 10.63 -19.86
CA ASP E 64 -22.48 10.79 -21.09
C ASP E 64 -21.00 10.35 -21.07
N ILE E 65 -20.72 9.14 -20.63
CA ILE E 65 -19.34 8.64 -20.74
C ILE E 65 -19.12 8.24 -22.19
N VAL E 66 -17.90 7.90 -22.54
CA VAL E 66 -17.60 7.62 -23.94
C VAL E 66 -17.88 6.15 -24.20
N PRO E 67 -18.50 5.82 -25.37
CA PRO E 67 -18.94 4.43 -25.58
C PRO E 67 -17.84 3.39 -25.34
N GLU E 68 -16.59 3.75 -25.62
CA GLU E 68 -15.48 2.82 -25.41
C GLU E 68 -15.29 2.49 -23.93
N ASP E 69 -15.74 3.37 -23.04
CA ASP E 69 -15.77 3.04 -21.61
C ASP E 69 -16.56 1.79 -21.37
N ILE E 70 -17.66 1.69 -22.09
CA ILE E 70 -18.61 0.61 -21.90
C ILE E 70 -18.04 -0.74 -22.36
N ASP E 71 -17.27 -0.74 -23.44
CA ASP E 71 -16.53 -1.93 -23.85
C ASP E 71 -15.72 -2.54 -22.69
N ILE E 72 -15.10 -1.67 -21.91
CA ILE E 72 -14.25 -2.10 -20.79
C ILE E 72 -15.07 -2.40 -19.56
N LEU E 73 -16.10 -1.60 -19.30
CA LEU E 73 -16.92 -1.83 -18.12
C LEU E 73 -17.70 -3.16 -18.17
N ASN E 74 -18.07 -3.60 -19.37
CA ASN E 74 -18.73 -4.89 -19.50
C ASN E 74 -17.91 -6.04 -18.91
N HIS E 75 -16.61 -5.84 -18.78
CA HIS E 75 -15.75 -6.88 -18.24
C HIS E 75 -15.36 -6.61 -16.79
N LEU E 76 -16.10 -5.69 -16.17
CA LEU E 76 -15.90 -5.34 -14.77
C LEU E 76 -16.56 -6.38 -13.88
N VAL E 77 -15.81 -7.37 -13.40
CA VAL E 77 -16.48 -8.48 -12.75
C VAL E 77 -16.82 -8.17 -11.31
N LYS E 78 -16.18 -7.15 -10.75
CA LYS E 78 -16.39 -6.83 -9.33
C LYS E 78 -15.97 -5.40 -9.00
N LEU E 79 -16.76 -4.74 -8.15
CA LEU E 79 -16.50 -3.35 -7.78
C LEU E 79 -16.72 -3.18 -6.31
N ASP E 80 -15.66 -2.88 -5.56
CA ASP E 80 -15.73 -2.83 -4.10
C ASP E 80 -15.45 -1.45 -3.55
N LEU E 81 -16.23 -1.06 -2.55
CA LEU E 81 -15.97 0.18 -1.81
C LEU E 81 -15.72 -0.13 -0.34
N LYS E 82 -14.47 0.03 0.09
CA LYS E 82 -14.15 -0.06 1.51
C LYS E 82 -14.28 1.33 2.12
N ASP E 83 -15.47 1.61 2.64
CA ASP E 83 -15.85 2.95 3.07
C ASP E 83 -15.37 3.11 4.48
N ASN E 84 -15.41 4.36 4.95
CA ASN E 84 -15.25 4.68 6.36
C ASN E 84 -13.96 4.07 6.92
N MET E 85 -13.03 3.82 6.03
CA MET E 85 -11.76 3.23 6.42
C MET E 85 -11.09 4.13 7.41
N ASP E 86 -10.44 3.56 8.41
CA ASP E 86 -9.73 4.34 9.41
C ASP E 86 -10.69 5.33 10.04
N ASN E 87 -10.42 6.61 9.86
CA ASN E 87 -11.27 7.64 10.41
C ASN E 87 -11.37 8.82 9.51
N ASN E 88 -12.19 9.76 9.94
CA ASN E 88 -12.42 11.03 9.23
C ASN E 88 -12.75 10.91 7.73
N GLY E 89 -13.39 9.81 7.32
CA GLY E 89 -14.04 9.70 6.01
C GLY E 89 -13.20 9.39 4.78
N SER E 90 -12.18 8.56 4.93
CA SER E 90 -11.32 8.17 3.83
C SER E 90 -11.87 6.91 3.19
N TYR E 91 -11.53 6.65 1.93
CA TYR E 91 -12.05 5.46 1.28
C TYR E 91 -11.16 4.87 0.20
N LYS E 92 -11.46 3.62 -0.15
CA LYS E 92 -10.75 2.88 -1.19
C LYS E 92 -11.76 2.14 -2.10
N ILE E 93 -11.72 2.43 -3.39
CA ILE E 93 -12.59 1.76 -4.35
C ILE E 93 -11.76 0.79 -5.16
N THR E 94 -12.32 -0.35 -5.52
CA THR E 94 -11.57 -1.32 -6.28
C THR E 94 -12.35 -1.80 -7.50
N PHE E 95 -11.67 -1.83 -8.63
CA PHE E 95 -12.23 -2.38 -9.84
C PHE E 95 -11.42 -3.60 -10.21
N ILE E 96 -12.03 -4.77 -10.08
CA ILE E 96 -11.47 -6.02 -10.58
C ILE E 96 -12.04 -6.36 -11.97
N PHE E 97 -11.21 -6.31 -13.00
CA PHE E 97 -11.71 -6.58 -14.35
C PHE E 97 -11.50 -8.04 -14.76
N GLY E 98 -12.37 -8.50 -15.64
CA GLY E 98 -12.32 -9.88 -16.09
C GLY E 98 -11.16 -10.15 -17.03
N GLU E 99 -10.85 -11.44 -17.21
CA GLU E 99 -9.72 -11.89 -18.00
C GLU E 99 -9.67 -11.26 -19.41
N LYS E 100 -10.84 -11.12 -20.05
CA LYS E 100 -10.97 -10.46 -21.37
C LYS E 100 -10.36 -9.04 -21.45
N ALA E 101 -10.34 -8.29 -20.34
CA ALA E 101 -9.92 -6.87 -20.38
C ALA E 101 -8.46 -6.62 -20.85
N LYS E 102 -7.65 -7.68 -20.90
CA LYS E 102 -6.24 -7.56 -21.29
C LYS E 102 -6.07 -6.88 -22.64
N GLU E 103 -7.09 -7.09 -23.48
CA GLU E 103 -7.26 -6.49 -24.79
C GLU E 103 -7.11 -4.98 -24.76
N PHE E 104 -7.50 -4.38 -23.62
CA PHE E 104 -7.44 -2.94 -23.45
C PHE E 104 -6.34 -2.49 -22.49
N MET E 105 -5.96 -3.31 -21.51
CA MET E 105 -5.16 -2.75 -20.43
C MET E 105 -4.43 -3.74 -19.49
N GLU E 106 -3.40 -3.23 -18.83
CA GLU E 106 -2.83 -3.86 -17.64
C GLU E 106 -2.59 -2.77 -16.60
N PRO E 107 -2.85 -3.07 -15.32
CA PRO E 107 -3.27 -4.37 -14.79
C PRO E 107 -4.78 -4.49 -14.80
N LEU E 108 -5.32 -5.69 -14.58
CA LEU E 108 -6.76 -5.90 -14.64
C LEU E 108 -7.45 -5.65 -13.30
N THR E 109 -6.71 -5.05 -12.37
CA THR E 109 -7.27 -4.64 -11.10
C THR E 109 -6.84 -3.21 -10.88
N LEU E 110 -7.79 -2.30 -10.76
CA LEU E 110 -7.47 -0.88 -10.60
C LEU E 110 -7.87 -0.48 -9.20
N VAL E 111 -6.97 0.19 -8.48
CA VAL E 111 -7.28 0.53 -7.10
C VAL E 111 -7.02 2.01 -6.81
N LYS E 112 -8.01 2.71 -6.27
CA LYS E 112 -7.76 4.08 -5.83
C LYS E 112 -8.07 4.26 -4.33
N HIS E 113 -7.04 4.64 -3.57
CA HIS E 113 -7.14 4.89 -2.13
C HIS E 113 -7.12 6.39 -1.85
N VAL E 114 -8.14 6.93 -1.18
CA VAL E 114 -8.22 8.39 -1.02
C VAL E 114 -8.43 8.85 0.42
N THR E 115 -7.69 9.90 0.81
CA THR E 115 -7.72 10.50 2.15
C THR E 115 -8.13 11.98 2.09
N GLU E 121 -5.78 17.75 3.58
CA GLU E 121 -7.02 17.32 2.93
C GLU E 121 -6.75 16.04 2.11
N LYS E 122 -7.24 16.01 0.87
CA LYS E 122 -7.22 14.81 0.02
C LYS E 122 -5.83 14.36 -0.44
N VAL E 123 -5.55 13.06 -0.33
CA VAL E 123 -4.38 12.46 -0.98
C VAL E 123 -4.64 11.01 -1.45
N VAL E 124 -4.04 10.67 -2.59
CA VAL E 124 -4.42 9.49 -3.34
C VAL E 124 -3.34 8.36 -3.26
N GLU E 125 -3.73 7.15 -3.65
CA GLU E 125 -2.82 6.03 -3.90
C GLU E 125 -3.29 5.22 -5.14
N CYS E 126 -3.56 5.95 -6.23
CA CYS E 126 -4.02 5.43 -7.53
C CYS E 126 -3.17 4.31 -8.17
N THR E 127 -3.64 3.80 -9.32
CA THR E 127 -2.86 2.86 -10.15
C THR E 127 -2.78 3.37 -11.59
N ARG E 128 -1.58 3.46 -12.15
CA ARG E 128 -1.46 3.93 -13.54
C ARG E 128 -1.78 2.79 -14.51
N ILE E 129 -2.48 3.11 -15.60
CA ILE E 129 -2.93 2.08 -16.52
C ILE E 129 -2.03 2.03 -17.77
N LYS E 130 -1.59 0.83 -18.14
CA LYS E 130 -0.86 0.65 -19.39
C LYS E 130 -1.86 0.31 -20.49
N TRP E 131 -2.31 1.32 -21.22
CA TRP E 131 -3.24 1.05 -22.30
C TRP E 131 -2.52 0.29 -23.39
N LYS E 132 -3.20 -0.70 -23.96
CA LYS E 132 -2.72 -1.33 -25.19
C LYS E 132 -2.86 -0.30 -26.28
N GLU E 133 -1.81 -0.07 -27.03
CA GLU E 133 -1.85 1.02 -27.93
C GLU E 133 -3.07 0.94 -28.77
N GLY E 134 -3.70 2.10 -28.88
CA GLY E 134 -4.92 2.29 -29.63
C GLY E 134 -6.18 1.91 -28.90
N LYS E 135 -6.08 1.57 -27.63
CA LYS E 135 -7.25 1.19 -26.89
C LYS E 135 -7.55 2.06 -25.69
N ASN E 136 -7.04 3.28 -25.66
CA ASN E 136 -7.31 4.14 -24.52
C ASN E 136 -8.61 4.87 -24.75
N PRO E 137 -9.56 4.53 -23.90
CA PRO E 137 -10.91 5.12 -23.88
C PRO E 137 -10.92 6.61 -23.58
N ILE E 138 -9.86 7.09 -22.93
CA ILE E 138 -9.72 8.53 -22.73
C ILE E 138 -9.43 9.22 -24.08
N ALA E 139 -8.69 8.52 -24.96
CA ALA E 139 -8.29 9.10 -26.24
C ALA E 139 -9.46 9.33 -27.19
N ALA E 140 -10.46 8.47 -27.08
CA ALA E 140 -11.61 8.46 -27.97
C ALA E 140 -12.51 9.72 -27.93
N VAL E 141 -12.29 10.66 -27.02
CA VAL E 141 -13.19 11.81 -27.01
C VAL E 141 -12.69 12.86 -27.98
N PRO E 153 -20.54 17.46 -25.58
CA PRO E 153 -19.37 17.16 -24.77
C PRO E 153 -19.42 15.75 -24.12
N LYS E 154 -18.27 15.07 -24.12
CA LYS E 154 -18.12 13.72 -23.53
C LYS E 154 -16.77 13.57 -22.85
N TRP E 155 -16.63 12.53 -22.03
CA TRP E 155 -15.37 12.24 -21.34
C TRP E 155 -15.32 10.77 -20.95
N SER E 156 -14.17 10.33 -20.45
CA SER E 156 -14.08 8.96 -20.04
C SER E 156 -13.99 8.80 -18.54
N ILE E 157 -14.79 7.89 -18.02
CA ILE E 157 -14.82 7.63 -16.61
C ILE E 157 -13.43 7.24 -16.07
N PHE E 158 -12.57 6.71 -16.93
CA PHE E 158 -11.26 6.24 -16.46
C PHE E 158 -10.27 7.41 -16.31
N GLU E 159 -10.73 8.61 -16.66
CA GLU E 159 -9.96 9.82 -16.42
C GLU E 159 -9.75 9.94 -14.92
N TRP E 160 -10.71 9.40 -14.19
CA TRP E 160 -10.73 9.48 -12.74
C TRP E 160 -9.57 8.73 -12.06
N PHE E 161 -8.93 7.82 -12.79
CA PHE E 161 -7.73 7.16 -12.28
C PHE E 161 -6.54 8.05 -12.52
N THR E 162 -6.56 9.21 -11.87
CA THR E 162 -5.47 10.17 -11.89
C THR E 162 -5.11 10.52 -10.44
N THR E 163 -4.33 11.59 -10.28
CA THR E 163 -4.13 12.27 -9.00
C THR E 163 -4.71 13.68 -9.02
N PRO E 170 -15.49 15.43 -12.55
CA PRO E 170 -16.62 14.98 -11.72
C PRO E 170 -16.22 13.79 -10.85
N ASP E 171 -16.50 13.87 -9.55
CA ASP E 171 -15.94 12.89 -8.64
C ASP E 171 -16.62 11.52 -8.76
N VAL E 172 -16.02 10.66 -9.59
CA VAL E 172 -16.52 9.29 -9.79
C VAL E 172 -16.66 8.59 -8.43
N GLY E 173 -15.55 8.46 -7.71
CA GLY E 173 -15.52 7.91 -6.38
C GLY E 173 -16.63 8.41 -5.46
N GLU E 174 -16.87 9.71 -5.46
CA GLU E 174 -17.92 10.26 -4.60
C GLU E 174 -19.31 9.73 -4.93
N LEU E 175 -19.65 9.72 -6.22
CA LEU E 175 -20.91 9.14 -6.68
C LEU E 175 -21.08 7.68 -6.28
N ILE E 176 -20.03 6.86 -6.45
CA ILE E 176 -20.11 5.49 -5.98
C ILE E 176 -20.31 5.48 -4.47
N ARG E 177 -19.43 6.20 -3.76
CA ARG E 177 -19.44 6.24 -2.31
C ARG E 177 -20.77 6.73 -1.71
N ARG E 178 -21.19 7.93 -2.10
CA ARG E 178 -22.39 8.51 -1.51
C ARG E 178 -23.70 7.94 -2.05
N GLU E 179 -23.83 7.81 -3.38
CA GLU E 179 -25.16 7.49 -3.95
C GLU E 179 -25.37 6.12 -4.62
N ILE E 180 -24.32 5.54 -5.23
CA ILE E 180 -24.55 4.32 -6.01
C ILE E 180 -24.35 3.03 -5.20
N TRP E 181 -23.22 2.93 -4.51
CA TRP E 181 -22.83 1.70 -3.84
C TRP E 181 -23.82 1.17 -2.80
N HIS E 182 -24.36 2.07 -1.99
CA HIS E 182 -25.42 1.76 -1.04
C HIS E 182 -26.48 0.85 -1.65
N ASN E 183 -27.09 1.30 -2.75
CA ASN E 183 -28.08 0.50 -3.45
C ASN E 183 -27.98 0.59 -4.95
N PRO E 184 -27.12 -0.25 -5.56
CA PRO E 184 -26.94 -0.20 -7.02
C PRO E 184 -28.15 -0.71 -7.82
N LEU E 185 -28.95 -1.60 -7.23
CA LEU E 185 -30.15 -2.11 -7.89
C LEU E 185 -31.11 -1.00 -8.26
N SER E 186 -31.19 0.01 -7.41
CA SER E 186 -31.98 1.19 -7.74
C SER E 186 -31.54 1.75 -9.09
N TYR E 187 -30.22 1.75 -9.34
CA TYR E 187 -29.70 2.29 -10.58
C TYR E 187 -29.72 1.32 -11.76
N TYR E 188 -29.46 0.03 -11.52
CA TYR E 188 -29.50 -0.99 -12.58
C TYR E 188 -30.91 -1.16 -13.16
N LEU E 189 -31.89 -1.32 -12.27
CA LEU E 189 -33.29 -1.05 -12.58
C LEU E 189 -33.43 0.46 -12.76
N PHE F 1 -32.20 -14.06 -9.59
CA PHE F 1 -31.03 -13.24 -9.34
C PHE F 1 -31.68 -11.94 -8.94
N MET F 2 -32.72 -11.58 -9.66
CA MET F 2 -33.38 -10.32 -9.44
C MET F 2 -34.00 -10.15 -8.08
N GLN F 3 -34.60 -11.20 -7.57
CA GLN F 3 -35.20 -11.06 -6.27
C GLN F 3 -34.19 -11.34 -5.20
N ASP F 4 -33.15 -12.11 -5.52
CA ASP F 4 -32.07 -12.29 -4.57
C ASP F 4 -31.47 -10.92 -4.17
N PHE F 5 -31.22 -10.08 -5.18
CA PHE F 5 -30.74 -8.70 -5.00
C PHE F 5 -31.75 -7.85 -4.22
N GLU F 6 -33.04 -8.02 -4.54
CA GLU F 6 -34.06 -7.34 -3.77
C GLU F 6 -33.98 -7.76 -2.31
N ASP F 7 -33.77 -9.05 -2.09
CA ASP F 7 -33.77 -9.63 -0.76
C ASP F 7 -32.61 -9.10 0.09
N ILE F 8 -31.45 -8.98 -0.54
CA ILE F 8 -30.22 -8.63 0.18
C ILE F 8 -30.20 -7.14 0.45
N GLN F 9 -30.77 -6.34 -0.44
CA GLN F 9 -30.88 -4.91 -0.19
C GLN F 9 -31.90 -4.67 0.88
N LYS F 10 -32.80 -5.65 1.09
CA LYS F 10 -33.72 -5.60 2.22
C LYS F 10 -32.91 -5.74 3.50
N ASP F 11 -32.12 -6.80 3.57
CA ASP F 11 -31.30 -7.09 4.75
C ASP F 11 -30.31 -5.95 5.06
N ILE F 12 -29.74 -5.32 4.03
CA ILE F 12 -28.88 -4.14 4.25
C ILE F 12 -29.67 -2.95 4.75
N GLU F 13 -30.80 -2.65 4.09
CA GLU F 13 -31.72 -1.58 4.50
C GLU F 13 -32.13 -1.71 5.98
N GLN F 14 -32.27 -2.95 6.43
CA GLN F 14 -32.63 -3.20 7.81
C GLN F 14 -31.49 -2.92 8.80
N LEU F 15 -30.27 -3.30 8.45
CA LEU F 15 -29.13 -3.03 9.33
C LEU F 15 -28.96 -1.53 9.48
N ASP F 16 -29.36 -0.83 8.43
CA ASP F 16 -29.27 0.62 8.37
C ASP F 16 -30.33 1.22 9.25
N ILE F 17 -31.42 0.48 9.43
CA ILE F 17 -32.48 0.94 10.31
C ILE F 17 -32.11 0.72 11.77
N LYS F 18 -31.72 -0.51 12.13
CA LYS F 18 -31.21 -0.77 13.48
C LYS F 18 -30.05 0.15 13.82
N CYS F 19 -29.21 0.45 12.84
CA CYS F 19 -28.02 1.24 13.12
C CYS F 19 -28.38 2.68 13.41
N ALA F 20 -29.36 3.20 12.67
CA ALA F 20 -29.77 4.59 12.84
C ALA F 20 -30.61 4.71 14.08
N HIS F 21 -31.40 3.68 14.34
CA HIS F 21 -32.23 3.66 15.53
C HIS F 21 -31.34 3.89 16.74
N GLU F 22 -30.28 3.09 16.83
CA GLU F 22 -29.42 3.07 18.00
C GLU F 22 -28.58 4.36 18.14
N GLN F 23 -28.24 4.98 17.03
CA GLN F 23 -27.54 6.26 17.08
C GLN F 23 -28.45 7.35 17.65
N MET F 24 -29.72 7.32 17.27
CA MET F 24 -30.70 8.29 17.75
C MET F 24 -31.07 8.05 19.20
N ASN F 25 -30.90 6.83 19.66
CA ASN F 25 -31.18 6.48 21.04
C ASN F 25 -30.07 6.97 21.94
N ILE F 26 -28.92 7.22 21.33
CA ILE F 26 -27.77 7.76 22.04
C ILE F 26 -27.85 9.28 22.11
N GLN F 27 -28.13 9.94 20.97
CA GLN F 27 -28.44 11.37 20.97
C GLN F 27 -29.38 11.64 22.11
N LYS F 28 -30.49 10.89 22.14
CA LYS F 28 -31.50 11.09 23.15
C LYS F 28 -30.89 10.95 24.52
N GLN F 29 -30.10 9.90 24.69
CA GLN F 29 -29.64 9.63 26.05
C GLN F 29 -28.71 10.76 26.52
N TYR F 30 -27.95 11.33 25.59
CA TYR F 30 -27.05 12.43 25.91
C TYR F 30 -27.77 13.77 25.95
N ASP F 31 -28.67 13.98 24.99
CA ASP F 31 -29.51 15.17 25.03
C ASP F 31 -30.14 15.28 26.41
N GLU F 32 -30.64 14.15 26.92
CA GLU F 32 -31.24 14.08 28.25
C GLU F 32 -30.27 14.54 29.36
N LYS F 33 -29.02 14.12 29.26
CA LYS F 33 -28.02 14.45 30.27
C LYS F 33 -27.56 15.87 30.19
N LYS F 34 -27.66 16.45 29.00
CA LYS F 34 -27.11 17.78 28.86
C LYS F 34 -28.17 18.86 28.95
N LYS F 35 -29.42 18.46 29.13
CA LYS F 35 -30.46 19.48 29.35
C LYS F 35 -30.46 20.04 30.78
N PRO F 36 -29.91 19.32 31.77
CA PRO F 36 -29.84 20.15 32.98
C PRO F 36 -28.66 21.11 32.94
N LEU F 37 -27.68 20.80 32.11
CA LEU F 37 -26.51 21.65 32.01
C LEU F 37 -26.83 22.95 31.30
N PHE F 38 -27.67 22.86 30.28
CA PHE F 38 -28.21 24.04 29.61
C PHE F 38 -29.10 24.88 30.53
N GLU F 39 -29.69 24.28 31.56
CA GLU F 39 -30.44 25.07 32.52
C GLU F 39 -29.47 25.71 33.49
N LYS F 40 -28.36 25.03 33.75
CA LYS F 40 -27.28 25.60 34.54
C LYS F 40 -26.83 26.89 33.89
N ARG F 41 -26.52 26.78 32.61
CA ARG F 41 -26.04 27.89 31.82
C ARG F 41 -27.08 29.00 31.80
N ASP F 42 -28.34 28.64 31.90
CA ASP F 42 -29.40 29.62 31.88
C ASP F 42 -29.45 30.41 33.17
N GLU F 43 -29.15 29.74 34.28
CA GLU F 43 -29.21 30.39 35.57
C GLU F 43 -27.96 31.23 35.84
N ILE F 44 -26.87 30.86 35.19
CA ILE F 44 -25.61 31.58 35.29
C ILE F 44 -25.75 32.90 34.53
N ILE F 45 -26.48 32.85 33.42
CA ILE F 45 -26.75 34.04 32.62
C ILE F 45 -27.60 35.05 33.36
N GLN F 46 -28.61 34.60 34.10
CA GLN F 46 -29.45 35.50 34.92
C GLN F 46 -28.61 36.36 35.87
N LYS F 47 -27.39 35.92 36.14
CA LYS F 47 -26.50 36.60 37.08
C LYS F 47 -25.43 37.42 36.36
N ILE F 48 -25.52 37.47 35.03
CA ILE F 48 -24.65 38.35 34.28
C ILE F 48 -25.54 39.44 33.71
N PRO F 49 -25.56 40.62 34.36
CA PRO F 49 -26.34 41.77 33.93
C PRO F 49 -26.18 42.06 32.44
N GLY F 50 -27.31 42.14 31.74
CA GLY F 50 -27.33 42.43 30.32
C GLY F 50 -26.47 41.53 29.48
N PHE F 51 -26.39 40.24 29.83
CA PHE F 51 -25.58 39.28 29.11
C PHE F 51 -25.94 39.24 27.63
N TRP F 52 -27.19 38.93 27.33
CA TRP F 52 -27.61 38.68 25.96
C TRP F 52 -27.57 39.91 25.08
N ALA F 53 -27.75 41.09 25.67
CA ALA F 53 -27.61 42.32 24.93
C ALA F 53 -26.18 42.43 24.43
N ASN F 54 -25.22 42.36 25.35
CA ASN F 54 -23.83 42.55 24.98
C ASN F 54 -23.22 41.39 24.20
N THR F 55 -23.74 40.19 24.42
CA THR F 55 -23.40 39.05 23.59
C THR F 55 -23.77 39.27 22.12
N LEU F 56 -25.00 39.69 21.87
CA LEU F 56 -25.51 39.82 20.51
C LEU F 56 -24.90 40.98 19.74
N ARG F 57 -24.80 42.13 20.39
CA ARG F 57 -24.24 43.31 19.76
C ARG F 57 -22.84 43.13 19.24
N LYS F 58 -22.16 42.07 19.67
CA LYS F 58 -20.77 41.86 19.32
C LYS F 58 -20.61 40.88 18.16
N HIS F 59 -21.74 40.42 17.66
CA HIS F 59 -21.79 39.23 16.83
C HIS F 59 -21.53 39.53 15.34
N PRO F 60 -21.76 38.54 14.47
CA PRO F 60 -21.63 38.99 13.08
C PRO F 60 -22.77 39.91 12.66
N ALA F 61 -22.44 41.12 12.18
CA ALA F 61 -23.38 41.98 11.46
C ALA F 61 -24.48 42.59 12.33
N LEU F 62 -24.40 42.38 13.64
CA LEU F 62 -25.35 42.97 14.57
C LEU F 62 -24.83 44.27 15.21
N SER F 63 -23.67 44.72 14.77
CA SER F 63 -22.99 45.81 15.47
C SER F 63 -23.39 47.21 15.04
N ASP F 64 -24.25 47.30 14.02
CA ASP F 64 -24.80 48.58 13.62
C ASP F 64 -26.31 48.59 13.77
N ILE F 65 -26.79 48.06 14.91
CA ILE F 65 -28.22 48.11 15.25
C ILE F 65 -28.57 49.41 15.96
N VAL F 66 -29.83 49.85 15.79
CA VAL F 66 -30.24 51.11 16.41
C VAL F 66 -30.21 50.91 17.92
N PRO F 67 -29.76 51.95 18.65
CA PRO F 67 -29.52 51.82 20.08
C PRO F 67 -30.82 51.54 20.82
N GLU F 68 -31.95 51.86 20.18
CA GLU F 68 -33.25 51.55 20.75
C GLU F 68 -33.43 50.08 20.93
N ASP F 69 -32.71 49.26 20.15
CA ASP F 69 -32.78 47.80 20.29
C ASP F 69 -32.15 47.31 21.58
N ILE F 70 -31.05 47.95 21.96
CA ILE F 70 -30.35 47.66 23.19
C ILE F 70 -31.27 47.82 24.40
N ASP F 71 -32.01 48.93 24.45
CA ASP F 71 -32.97 49.20 25.53
C ASP F 71 -33.80 47.97 25.85
N ILE F 72 -34.29 47.34 24.81
CA ILE F 72 -35.20 46.21 24.97
C ILE F 72 -34.43 44.91 25.23
N LEU F 73 -33.39 44.69 24.43
CA LEU F 73 -32.47 43.56 24.56
C LEU F 73 -31.80 43.41 25.93
N ASN F 74 -31.63 44.51 26.64
CA ASN F 74 -31.05 44.48 27.99
C ASN F 74 -32.00 43.83 28.97
N HIS F 75 -33.24 43.60 28.56
CA HIS F 75 -34.19 42.84 29.37
C HIS F 75 -34.49 41.47 28.78
N LEU F 76 -33.65 41.01 27.86
CA LEU F 76 -33.76 39.68 27.34
C LEU F 76 -33.25 38.76 28.42
N VAL F 77 -34.16 38.03 29.07
CA VAL F 77 -33.85 37.28 30.27
C VAL F 77 -33.37 35.86 29.89
N LYS F 78 -33.86 35.36 28.77
CA LYS F 78 -33.58 33.98 28.35
C LYS F 78 -33.67 33.83 26.82
N LEU F 79 -32.75 33.03 26.26
CA LEU F 79 -32.71 32.81 24.82
C LEU F 79 -32.50 31.34 24.57
N ASP F 80 -33.41 30.75 23.82
CA ASP F 80 -33.47 29.30 23.73
C ASP F 80 -33.63 28.86 22.29
N LEU F 81 -32.54 28.33 21.75
CA LEU F 81 -32.54 27.67 20.45
C LEU F 81 -32.67 26.18 20.68
N LYS F 82 -32.54 25.77 21.95
CA LYS F 82 -32.54 24.37 22.40
C LYS F 82 -33.42 23.41 21.56
N ASP F 83 -34.39 23.98 20.83
CA ASP F 83 -35.07 23.22 19.78
C ASP F 83 -34.34 23.47 18.43
N ASN F 84 -33.27 22.74 18.21
CA ASN F 84 -32.68 22.69 16.88
C ASN F 84 -32.97 21.36 16.21
N MET F 85 -33.03 21.39 14.87
CA MET F 85 -33.43 20.24 14.06
C MET F 85 -34.74 19.68 14.59
N ASP F 86 -35.74 20.52 14.64
CA ASP F 86 -37.01 20.02 15.08
C ASP F 86 -37.27 18.89 14.10
N ASN F 87 -37.03 19.10 12.81
CA ASN F 87 -37.12 18.11 11.78
C ASN F 87 -36.30 18.47 10.55
N ASN F 88 -35.17 17.82 10.34
CA ASN F 88 -34.36 18.06 9.13
C ASN F 88 -34.00 19.48 8.70
N GLY F 89 -33.30 20.23 9.54
CA GLY F 89 -32.98 21.61 9.21
C GLY F 89 -33.77 22.65 10.01
N SER F 90 -35.07 22.41 10.17
CA SER F 90 -35.96 23.35 10.86
C SER F 90 -35.58 23.53 12.33
N TYR F 91 -35.65 24.77 12.81
CA TYR F 91 -35.33 25.12 14.20
C TYR F 91 -36.33 26.11 14.80
N LYS F 92 -36.30 26.25 16.12
CA LYS F 92 -37.16 27.18 16.83
C LYS F 92 -36.36 28.06 17.81
N ILE F 93 -36.47 29.38 17.66
CA ILE F 93 -35.82 30.29 18.59
C ILE F 93 -36.86 30.99 19.47
N THR F 94 -36.51 31.23 20.72
CA THR F 94 -37.45 31.66 21.74
C THR F 94 -36.78 32.70 22.62
N PHE F 95 -37.29 33.92 22.56
CA PHE F 95 -36.79 35.02 23.38
C PHE F 95 -37.68 35.24 24.59
N ILE F 96 -37.18 35.05 25.81
CA ILE F 96 -37.97 35.40 26.97
C ILE F 96 -37.48 36.74 27.51
N PHE F 97 -38.43 37.65 27.74
CA PHE F 97 -38.12 38.98 28.28
C PHE F 97 -38.71 39.14 29.66
N GLY F 98 -38.14 40.08 30.41
CA GLY F 98 -38.54 40.32 31.77
C GLY F 98 -39.62 41.37 31.81
N GLU F 99 -40.22 41.52 32.99
CA GLU F 99 -41.40 42.36 33.20
C GLU F 99 -41.18 43.78 32.74
N LYS F 100 -39.96 44.27 32.91
CA LYS F 100 -39.63 45.64 32.55
C LYS F 100 -39.87 45.89 31.07
N ALA F 101 -39.77 44.85 30.26
CA ALA F 101 -39.98 44.99 28.84
C ALA F 101 -41.43 45.34 28.44
N LYS F 102 -42.37 45.32 29.39
CA LYS F 102 -43.79 45.65 29.09
C LYS F 102 -43.95 47.10 28.70
N GLU F 103 -43.00 47.92 29.13
CA GLU F 103 -42.88 49.28 28.66
C GLU F 103 -42.91 49.36 27.14
N PHE F 104 -42.39 48.34 26.48
CA PHE F 104 -42.16 48.33 25.03
C PHE F 104 -43.12 47.53 24.15
N MET F 105 -43.46 46.35 24.60
CA MET F 105 -44.26 45.46 23.79
C MET F 105 -45.06 44.50 24.60
N GLU F 106 -45.85 43.70 23.91
CA GLU F 106 -46.20 42.41 24.41
C GLU F 106 -46.38 41.48 23.24
N PRO F 107 -46.00 40.23 23.38
CA PRO F 107 -45.89 39.61 24.69
C PRO F 107 -44.46 39.61 25.17
N LEU F 108 -44.25 38.97 26.30
CA LEU F 108 -42.95 38.88 26.89
C LEU F 108 -42.18 37.66 26.44
N THR F 109 -42.81 36.83 25.63
CA THR F 109 -42.18 35.65 25.04
C THR F 109 -42.35 35.62 23.53
N LEU F 110 -41.29 35.88 22.78
CA LEU F 110 -41.38 35.78 21.33
C LEU F 110 -40.81 34.47 20.82
N VAL F 111 -41.59 33.79 20.01
CA VAL F 111 -41.21 32.51 19.42
C VAL F 111 -40.99 32.69 17.92
N LYS F 112 -40.01 32.00 17.37
CA LYS F 112 -39.74 32.14 15.97
C LYS F 112 -39.35 30.81 15.37
N HIS F 113 -40.28 30.19 14.63
CA HIS F 113 -39.91 29.01 13.86
C HIS F 113 -39.37 29.39 12.50
N VAL F 114 -38.47 28.55 12.01
CA VAL F 114 -37.98 28.59 10.64
C VAL F 114 -38.05 27.15 10.11
N THR F 115 -39.11 26.81 9.38
CA THR F 115 -39.35 25.42 8.96
C THR F 115 -38.88 25.18 7.53
N PHE F 116 -38.35 23.99 7.24
CA PHE F 116 -37.89 23.66 5.88
C PHE F 116 -38.53 22.46 5.18
N ASP F 117 -38.66 22.61 3.86
CA ASP F 117 -39.29 21.66 2.94
C ASP F 117 -38.50 20.36 2.63
N ASN F 118 -39.16 19.37 2.04
CA ASN F 118 -38.46 18.31 1.32
C ASN F 118 -37.88 18.94 0.04
N GLU F 121 -37.53 24.83 0.95
CA GLU F 121 -38.35 26.00 1.08
C GLU F 121 -38.78 26.32 2.49
N LYS F 122 -37.97 27.18 3.04
CA LYS F 122 -38.15 27.64 4.35
C LYS F 122 -39.29 28.56 4.29
N VAL F 123 -40.20 28.36 5.21
CA VAL F 123 -41.25 29.31 5.39
C VAL F 123 -40.83 30.19 6.59
N VAL F 124 -41.78 30.88 7.21
CA VAL F 124 -41.45 31.72 8.35
C VAL F 124 -42.64 31.98 9.20
N GLU F 125 -42.60 31.54 10.44
CA GLU F 125 -43.75 31.83 11.30
C GLU F 125 -43.29 32.62 12.49
N CYS F 126 -43.48 33.92 12.37
CA CYS F 126 -43.06 34.88 13.38
C CYS F 126 -44.21 35.40 14.21
N THR F 127 -43.98 35.52 15.51
CA THR F 127 -44.98 36.16 16.37
C THR F 127 -45.27 37.60 15.89
N ARG F 128 -46.55 38.00 15.85
CA ARG F 128 -46.85 39.43 15.69
C ARG F 128 -46.62 40.08 17.06
N ILE F 129 -45.76 41.09 17.06
CA ILE F 129 -45.51 41.87 18.25
C ILE F 129 -46.36 43.12 18.18
N LYS F 130 -46.85 43.55 19.33
CA LYS F 130 -47.66 44.73 19.40
C LYS F 130 -46.96 45.68 20.34
N TRP F 131 -46.33 46.72 19.81
CA TRP F 131 -45.60 47.68 20.62
C TRP F 131 -46.38 48.81 21.24
N LYS F 132 -46.00 49.28 22.43
CA LYS F 132 -46.66 50.41 23.05
C LYS F 132 -46.42 51.62 22.16
N GLU F 133 -47.41 52.51 22.05
CA GLU F 133 -47.23 53.75 21.30
C GLU F 133 -45.90 54.45 21.63
N GLY F 134 -45.17 54.83 20.58
CA GLY F 134 -43.94 55.60 20.69
C GLY F 134 -42.69 54.80 21.03
N LYS F 135 -42.81 53.48 21.12
CA LYS F 135 -41.75 52.65 21.71
C LYS F 135 -41.27 51.63 20.73
N ASN F 136 -41.86 51.63 19.54
CA ASN F 136 -41.41 50.75 18.48
C ASN F 136 -39.99 51.10 18.08
N PRO F 137 -39.09 50.13 18.18
CA PRO F 137 -37.69 50.40 17.84
C PRO F 137 -37.49 50.41 16.33
N ILE F 138 -38.30 49.68 15.59
CA ILE F 138 -38.22 49.76 14.14
C ILE F 138 -38.45 51.19 13.65
N ALA F 139 -39.27 51.92 14.40
CA ALA F 139 -39.57 53.31 14.08
C ALA F 139 -38.35 54.26 14.08
N ALA F 140 -37.14 53.78 14.36
CA ALA F 140 -35.94 54.59 14.15
C ALA F 140 -35.29 54.27 12.76
N VAL F 141 -35.28 55.28 11.89
CA VAL F 141 -35.07 55.08 10.46
C VAL F 141 -33.74 55.61 9.89
N PRO F 153 -26.14 53.76 7.83
CA PRO F 153 -27.33 52.95 7.49
C PRO F 153 -27.58 51.89 8.59
N LYS F 154 -28.60 52.11 9.41
CA LYS F 154 -28.89 51.22 10.53
C LYS F 154 -30.20 50.46 10.31
N TRP F 155 -30.58 49.66 11.30
CA TRP F 155 -31.72 48.73 11.18
C TRP F 155 -31.99 48.06 12.54
N SER F 156 -33.15 47.43 12.69
CA SER F 156 -33.52 46.89 14.00
C SER F 156 -33.62 45.38 14.02
N ILE F 157 -33.03 44.75 15.03
CA ILE F 157 -33.00 43.30 15.09
C ILE F 157 -34.42 42.73 15.14
N PHE F 158 -35.38 43.56 15.58
CA PHE F 158 -36.76 43.12 15.72
C PHE F 158 -37.44 43.15 14.36
N GLU F 159 -36.73 43.70 13.38
CA GLU F 159 -37.11 43.59 11.99
C GLU F 159 -37.09 42.11 11.60
N TRP F 160 -36.18 41.35 12.20
CA TRP F 160 -36.13 39.89 12.00
C TRP F 160 -37.40 39.21 12.44
N PHE F 161 -38.23 39.92 13.18
CA PHE F 161 -39.55 39.42 13.47
C PHE F 161 -40.52 39.91 12.38
N PRO F 170 -29.71 40.69 7.11
CA PRO F 170 -28.98 39.72 7.94
C PRO F 170 -29.92 38.73 8.67
N ASP F 171 -29.60 37.44 8.61
CA ASP F 171 -30.46 36.40 9.17
C ASP F 171 -30.09 36.13 10.62
N VAL F 172 -30.70 36.89 11.53
CA VAL F 172 -30.41 36.79 12.95
C VAL F 172 -30.56 35.36 13.42
N GLY F 173 -31.60 34.68 12.94
CA GLY F 173 -31.84 33.29 13.28
C GLY F 173 -30.69 32.36 12.95
N GLU F 174 -30.14 32.53 11.75
CA GLU F 174 -29.03 31.71 11.32
C GLU F 174 -27.83 31.83 12.25
N LEU F 175 -27.31 33.05 12.36
CA LEU F 175 -26.05 33.24 13.09
C LEU F 175 -26.23 32.96 14.58
N ILE F 176 -27.45 33.04 15.08
CA ILE F 176 -27.68 32.54 16.41
C ILE F 176 -27.53 31.02 16.36
N ARG F 177 -28.03 30.42 15.29
CA ARG F 177 -28.15 28.95 15.24
C ARG F 177 -26.79 28.27 15.22
N ARG F 178 -25.90 28.70 14.32
CA ARG F 178 -24.63 28.00 14.22
C ARG F 178 -23.38 28.89 14.41
N GLU F 179 -23.51 29.95 15.21
CA GLU F 179 -22.34 30.79 15.52
C GLU F 179 -22.30 31.30 16.96
N ILE F 180 -23.46 31.65 17.51
CA ILE F 180 -23.52 32.25 18.85
C ILE F 180 -24.07 31.28 19.89
N TRP F 181 -25.07 30.48 19.53
CA TRP F 181 -25.78 29.71 20.55
C TRP F 181 -24.87 28.73 21.25
N HIS F 182 -23.94 28.18 20.48
CA HIS F 182 -23.06 27.07 20.87
C HIS F 182 -22.14 27.48 22.02
N ASN F 183 -21.43 28.61 21.82
CA ASN F 183 -20.75 29.30 22.91
C ASN F 183 -20.92 30.81 22.91
N PRO F 184 -21.86 31.30 23.72
CA PRO F 184 -22.14 32.74 23.87
C PRO F 184 -20.96 33.43 24.52
N LEU F 185 -20.35 32.75 25.49
CA LEU F 185 -19.26 33.29 26.29
C LEU F 185 -18.17 33.92 25.44
N SER F 186 -17.84 33.25 24.32
CA SER F 186 -16.93 33.78 23.30
C SER F 186 -17.35 35.18 22.87
N TYR F 187 -18.61 35.36 22.52
CA TYR F 187 -18.98 36.68 22.07
C TYR F 187 -19.01 37.67 23.24
N TYR F 188 -19.51 37.27 24.40
CA TYR F 188 -19.57 38.17 25.55
C TYR F 188 -18.18 38.62 26.01
N LEU F 189 -17.13 37.84 25.71
CA LEU F 189 -15.75 38.21 26.13
C LEU F 189 -14.90 38.86 25.02
#